data_1RUW
# 
_entry.id   1RUW 
# 
_audit_conform.dict_name       mmcif_pdbx.dic 
_audit_conform.dict_version    5.388 
_audit_conform.dict_location   http://mmcif.pdb.org/dictionaries/ascii/mmcif_pdbx.dic 
# 
loop_
_database_2.database_id 
_database_2.database_code 
_database_2.pdbx_database_accession 
_database_2.pdbx_DOI 
PDB   1RUW         pdb_00001ruw 10.2210/pdb1ruw/pdb 
RCSB  RCSB021054   ?            ?                   
WWPDB D_1000021054 ?            ?                   
# 
loop_
_pdbx_audit_revision_history.ordinal 
_pdbx_audit_revision_history.data_content_type 
_pdbx_audit_revision_history.major_revision 
_pdbx_audit_revision_history.minor_revision 
_pdbx_audit_revision_history.revision_date 
1 'Structure model' 1 0 2005-03-01 
2 'Structure model' 1 1 2008-04-29 
3 'Structure model' 1 2 2011-07-13 
4 'Structure model' 1 3 2024-03-13 
# 
_pdbx_audit_revision_details.ordinal             1 
_pdbx_audit_revision_details.revision_ordinal    1 
_pdbx_audit_revision_details.data_content_type   'Structure model' 
_pdbx_audit_revision_details.provider            repository 
_pdbx_audit_revision_details.type                'Initial release' 
_pdbx_audit_revision_details.description         ? 
_pdbx_audit_revision_details.details             ? 
# 
loop_
_pdbx_audit_revision_group.ordinal 
_pdbx_audit_revision_group.revision_ordinal 
_pdbx_audit_revision_group.data_content_type 
_pdbx_audit_revision_group.group 
1 2 'Structure model' 'Version format compliance' 
2 3 'Structure model' 'Version format compliance' 
3 4 'Structure model' 'Data collection'           
4 4 'Structure model' 'Database references'       
5 4 'Structure model' 'Derived calculations'      
# 
loop_
_pdbx_audit_revision_category.ordinal 
_pdbx_audit_revision_category.revision_ordinal 
_pdbx_audit_revision_category.data_content_type 
_pdbx_audit_revision_category.category 
1 4 'Structure model' chem_comp_atom 
2 4 'Structure model' chem_comp_bond 
3 4 'Structure model' database_2     
4 4 'Structure model' diffrn_source  
5 4 'Structure model' struct_site    
# 
loop_
_pdbx_audit_revision_item.ordinal 
_pdbx_audit_revision_item.revision_ordinal 
_pdbx_audit_revision_item.data_content_type 
_pdbx_audit_revision_item.item 
1 4 'Structure model' '_database_2.pdbx_DOI'                 
2 4 'Structure model' '_database_2.pdbx_database_accession'  
3 4 'Structure model' '_diffrn_source.pdbx_synchrotron_site' 
4 4 'Structure model' '_struct_site.pdbx_auth_asym_id'       
5 4 'Structure model' '_struct_site.pdbx_auth_comp_id'       
6 4 'Structure model' '_struct_site.pdbx_auth_seq_id'        
# 
_pdbx_database_status.status_code                     REL 
_pdbx_database_status.entry_id                        1RUW 
_pdbx_database_status.recvd_initial_deposition_date   2003-12-12 
_pdbx_database_status.deposit_site                    RCSB 
_pdbx_database_status.process_site                    PDBJ 
_pdbx_database_status.status_code_sf                  REL 
_pdbx_database_status.status_code_mr                  ? 
_pdbx_database_status.SG_entry                        Y 
_pdbx_database_status.pdb_format_compatible           Y 
_pdbx_database_status.status_code_cs                  ? 
_pdbx_database_status.status_code_nmr_data            ? 
_pdbx_database_status.methods_development_category    ? 
# 
_pdbx_database_related.db_name        PDB 
_pdbx_database_related.db_id          1oot 
_pdbx_database_related.details        . 
_pdbx_database_related.content_type   unspecified 
# 
loop_
_audit_author.name 
_audit_author.pdbx_ordinal 
'Kursula, P.'  1 
'Kursula, I.'  2 
'Lehmann, F.'  3 
'Song, Y.H.'   4 
'Wilmanns, M.' 5 
# 
_citation.id                        primary 
_citation.title                     'Crystal structure of the SH3 domain from S. cerevisiae Myo3' 
_citation.journal_abbrev            'To be Published' 
_citation.journal_volume            ? 
_citation.page_first                ? 
_citation.page_last                 ? 
_citation.year                      ? 
_citation.journal_id_ASTM           ? 
_citation.country                   ? 
_citation.journal_id_ISSN           ? 
_citation.journal_id_CSD            0353 
_citation.book_publisher            ? 
_citation.pdbx_database_id_PubMed   ? 
_citation.pdbx_database_id_DOI      ? 
# 
loop_
_citation_author.citation_id 
_citation_author.name 
_citation_author.ordinal 
_citation_author.identifier_ORCID 
primary 'Kursula, P.'  1 ? 
primary 'Kursula, I.'  2 ? 
primary 'Lehmann, F.'  3 ? 
primary 'Song, Y.H.'   4 ? 
primary 'Wilmanns, M.' 5 ? 
# 
loop_
_entity.id 
_entity.type 
_entity.src_method 
_entity.pdbx_description 
_entity.formula_weight 
_entity.pdbx_number_of_molecules 
_entity.pdbx_ec 
_entity.pdbx_mutation 
_entity.pdbx_fragment 
_entity.details 
1 polymer     man 'Myosin-3 isoform' 7588.495 1   ? ? 'SH3 domain' ? 
2 non-polymer syn IMIDAZOLE          69.085   1   ? ? ?            ? 
3 water       nat water              18.015   106 ? ? ?            ? 
# 
_entity_name_com.entity_id   1 
_entity_name_com.name        Myo3 
# 
_entity_poly.entity_id                      1 
_entity_poly.type                           'polypeptide(L)' 
_entity_poly.nstd_linkage                   no 
_entity_poly.nstd_monomer                   no 
_entity_poly.pdbx_seq_one_letter_code       KDPKFEAAYDFPGSGSSSELPLKKGDIVFISRDEPSGWSLAKLLDGSKEGWVPTAYMTPYKDTRNTVPV 
_entity_poly.pdbx_seq_one_letter_code_can   KDPKFEAAYDFPGSGSSSELPLKKGDIVFISRDEPSGWSLAKLLDGSKEGWVPTAYMTPYKDTRNTVPV 
_entity_poly.pdbx_strand_id                 A 
_entity_poly.pdbx_target_identifier         ? 
# 
loop_
_pdbx_entity_nonpoly.entity_id 
_pdbx_entity_nonpoly.name 
_pdbx_entity_nonpoly.comp_id 
2 IMIDAZOLE IMD 
3 water     HOH 
# 
loop_
_entity_poly_seq.entity_id 
_entity_poly_seq.num 
_entity_poly_seq.mon_id 
_entity_poly_seq.hetero 
1 1  LYS n 
1 2  ASP n 
1 3  PRO n 
1 4  LYS n 
1 5  PHE n 
1 6  GLU n 
1 7  ALA n 
1 8  ALA n 
1 9  TYR n 
1 10 ASP n 
1 11 PHE n 
1 12 PRO n 
1 13 GLY n 
1 14 SER n 
1 15 GLY n 
1 16 SER n 
1 17 SER n 
1 18 SER n 
1 19 GLU n 
1 20 LEU n 
1 21 PRO n 
1 22 LEU n 
1 23 LYS n 
1 24 LYS n 
1 25 GLY n 
1 26 ASP n 
1 27 ILE n 
1 28 VAL n 
1 29 PHE n 
1 30 ILE n 
1 31 SER n 
1 32 ARG n 
1 33 ASP n 
1 34 GLU n 
1 35 PRO n 
1 36 SER n 
1 37 GLY n 
1 38 TRP n 
1 39 SER n 
1 40 LEU n 
1 41 ALA n 
1 42 LYS n 
1 43 LEU n 
1 44 LEU n 
1 45 ASP n 
1 46 GLY n 
1 47 SER n 
1 48 LYS n 
1 49 GLU n 
1 50 GLY n 
1 51 TRP n 
1 52 VAL n 
1 53 PRO n 
1 54 THR n 
1 55 ALA n 
1 56 TYR n 
1 57 MET n 
1 58 THR n 
1 59 PRO n 
1 60 TYR n 
1 61 LYS n 
1 62 ASP n 
1 63 THR n 
1 64 ARG n 
1 65 ASN n 
1 66 THR n 
1 67 VAL n 
1 68 PRO n 
1 69 VAL n 
# 
_entity_src_gen.entity_id                          1 
_entity_src_gen.pdbx_src_id                        1 
_entity_src_gen.pdbx_alt_source_flag               sample 
_entity_src_gen.pdbx_seq_type                      ? 
_entity_src_gen.pdbx_beg_seq_num                   ? 
_entity_src_gen.pdbx_end_seq_num                   ? 
_entity_src_gen.gene_src_common_name               
;baker's yeast
;
_entity_src_gen.gene_src_genus                     Saccharomyces 
_entity_src_gen.pdbx_gene_src_gene                 ? 
_entity_src_gen.gene_src_species                   ? 
_entity_src_gen.gene_src_strain                    ? 
_entity_src_gen.gene_src_tissue                    ? 
_entity_src_gen.gene_src_tissue_fraction           ? 
_entity_src_gen.gene_src_details                   ? 
_entity_src_gen.pdbx_gene_src_fragment             ? 
_entity_src_gen.pdbx_gene_src_scientific_name      'Saccharomyces cerevisiae' 
_entity_src_gen.pdbx_gene_src_ncbi_taxonomy_id     4932 
_entity_src_gen.pdbx_gene_src_variant              ? 
_entity_src_gen.pdbx_gene_src_cell_line            ? 
_entity_src_gen.pdbx_gene_src_atcc                 ? 
_entity_src_gen.pdbx_gene_src_organ                ? 
_entity_src_gen.pdbx_gene_src_organelle            ? 
_entity_src_gen.pdbx_gene_src_cell                 ? 
_entity_src_gen.pdbx_gene_src_cellular_location    ? 
_entity_src_gen.host_org_common_name               ? 
_entity_src_gen.pdbx_host_org_scientific_name      'Escherichia coli' 
_entity_src_gen.pdbx_host_org_ncbi_taxonomy_id     562 
_entity_src_gen.host_org_genus                     Escherichia 
_entity_src_gen.pdbx_host_org_gene                 ? 
_entity_src_gen.pdbx_host_org_organ                ? 
_entity_src_gen.host_org_species                   ? 
_entity_src_gen.pdbx_host_org_tissue               ? 
_entity_src_gen.pdbx_host_org_tissue_fraction      ? 
_entity_src_gen.pdbx_host_org_strain               ? 
_entity_src_gen.pdbx_host_org_variant              ? 
_entity_src_gen.pdbx_host_org_cell_line            ? 
_entity_src_gen.pdbx_host_org_atcc                 ? 
_entity_src_gen.pdbx_host_org_culture_collection   ? 
_entity_src_gen.pdbx_host_org_cell                 ? 
_entity_src_gen.pdbx_host_org_organelle            ? 
_entity_src_gen.pdbx_host_org_cellular_location    ? 
_entity_src_gen.pdbx_host_org_vector_type          ? 
_entity_src_gen.pdbx_host_org_vector               ? 
_entity_src_gen.host_org_details                   ? 
_entity_src_gen.expression_system_id               ? 
_entity_src_gen.plasmid_name                       ? 
_entity_src_gen.plasmid_details                    ? 
_entity_src_gen.pdbx_description                   ? 
# 
loop_
_chem_comp.id 
_chem_comp.type 
_chem_comp.mon_nstd_flag 
_chem_comp.name 
_chem_comp.pdbx_synonyms 
_chem_comp.formula 
_chem_comp.formula_weight 
ALA 'L-peptide linking' y ALANINE         ? 'C3 H7 N O2'     89.093  
ARG 'L-peptide linking' y ARGININE        ? 'C6 H15 N4 O2 1' 175.209 
ASN 'L-peptide linking' y ASPARAGINE      ? 'C4 H8 N2 O3'    132.118 
ASP 'L-peptide linking' y 'ASPARTIC ACID' ? 'C4 H7 N O4'     133.103 
GLU 'L-peptide linking' y 'GLUTAMIC ACID' ? 'C5 H9 N O4'     147.129 
GLY 'peptide linking'   y GLYCINE         ? 'C2 H5 N O2'     75.067  
HOH non-polymer         . WATER           ? 'H2 O'           18.015  
ILE 'L-peptide linking' y ISOLEUCINE      ? 'C6 H13 N O2'    131.173 
IMD non-polymer         . IMIDAZOLE       ? 'C3 H5 N2 1'     69.085  
LEU 'L-peptide linking' y LEUCINE         ? 'C6 H13 N O2'    131.173 
LYS 'L-peptide linking' y LYSINE          ? 'C6 H15 N2 O2 1' 147.195 
MET 'L-peptide linking' y METHIONINE      ? 'C5 H11 N O2 S'  149.211 
PHE 'L-peptide linking' y PHENYLALANINE   ? 'C9 H11 N O2'    165.189 
PRO 'L-peptide linking' y PROLINE         ? 'C5 H9 N O2'     115.130 
SER 'L-peptide linking' y SERINE          ? 'C3 H7 N O3'     105.093 
THR 'L-peptide linking' y THREONINE       ? 'C4 H9 N O3'     119.119 
TRP 'L-peptide linking' y TRYPTOPHAN      ? 'C11 H12 N2 O2'  204.225 
TYR 'L-peptide linking' y TYROSINE        ? 'C9 H11 N O3'    181.189 
VAL 'L-peptide linking' y VALINE          ? 'C5 H11 N O2'    117.146 
# 
loop_
_pdbx_poly_seq_scheme.asym_id 
_pdbx_poly_seq_scheme.entity_id 
_pdbx_poly_seq_scheme.seq_id 
_pdbx_poly_seq_scheme.mon_id 
_pdbx_poly_seq_scheme.ndb_seq_num 
_pdbx_poly_seq_scheme.pdb_seq_num 
_pdbx_poly_seq_scheme.auth_seq_num 
_pdbx_poly_seq_scheme.pdb_mon_id 
_pdbx_poly_seq_scheme.auth_mon_id 
_pdbx_poly_seq_scheme.pdb_strand_id 
_pdbx_poly_seq_scheme.pdb_ins_code 
_pdbx_poly_seq_scheme.hetero 
A 1 1  LYS 1  1  1  LYS LYS A . n 
A 1 2  ASP 2  2  2  ASP ASP A . n 
A 1 3  PRO 3  3  3  PRO PRO A . n 
A 1 4  LYS 4  4  4  LYS LYS A . n 
A 1 5  PHE 5  5  5  PHE PHE A . n 
A 1 6  GLU 6  6  6  GLU GLU A . n 
A 1 7  ALA 7  7  7  ALA ALA A . n 
A 1 8  ALA 8  8  8  ALA ALA A . n 
A 1 9  TYR 9  9  9  TYR TYR A . n 
A 1 10 ASP 10 10 10 ASP ASP A . n 
A 1 11 PHE 11 11 11 PHE PHE A . n 
A 1 12 PRO 12 12 12 PRO PRO A . n 
A 1 13 GLY 13 13 13 GLY GLY A . n 
A 1 14 SER 14 14 14 SER SER A . n 
A 1 15 GLY 15 15 15 GLY GLY A . n 
A 1 16 SER 16 16 16 SER SER A . n 
A 1 17 SER 17 17 17 SER SER A . n 
A 1 18 SER 18 18 18 SER SER A . n 
A 1 19 GLU 19 19 19 GLU GLU A . n 
A 1 20 LEU 20 20 20 LEU LEU A . n 
A 1 21 PRO 21 21 21 PRO PRO A . n 
A 1 22 LEU 22 22 22 LEU LEU A . n 
A 1 23 LYS 23 23 23 LYS LYS A . n 
A 1 24 LYS 24 24 24 LYS LYS A . n 
A 1 25 GLY 25 25 25 GLY GLY A . n 
A 1 26 ASP 26 26 26 ASP ASP A . n 
A 1 27 ILE 27 27 27 ILE ILE A . n 
A 1 28 VAL 28 28 28 VAL VAL A . n 
A 1 29 PHE 29 29 29 PHE PHE A . n 
A 1 30 ILE 30 30 30 ILE ILE A . n 
A 1 31 SER 31 31 31 SER SER A . n 
A 1 32 ARG 32 32 32 ARG ARG A . n 
A 1 33 ASP 33 33 33 ASP ASP A . n 
A 1 34 GLU 34 34 34 GLU GLU A . n 
A 1 35 PRO 35 35 35 PRO PRO A . n 
A 1 36 SER 36 36 36 SER SER A . n 
A 1 37 GLY 37 37 37 GLY GLY A . n 
A 1 38 TRP 38 38 38 TRP TRP A . n 
A 1 39 SER 39 39 39 SER SER A . n 
A 1 40 LEU 40 40 40 LEU LEU A . n 
A 1 41 ALA 41 41 41 ALA ALA A . n 
A 1 42 LYS 42 42 42 LYS LYS A . n 
A 1 43 LEU 43 43 43 LEU LEU A . n 
A 1 44 LEU 44 44 44 LEU LEU A . n 
A 1 45 ASP 45 45 45 ASP ASP A . n 
A 1 46 GLY 46 46 46 GLY GLY A . n 
A 1 47 SER 47 47 47 SER SER A . n 
A 1 48 LYS 48 48 48 LYS LYS A . n 
A 1 49 GLU 49 49 49 GLU GLU A . n 
A 1 50 GLY 50 50 50 GLY GLY A . n 
A 1 51 TRP 51 51 51 TRP TRP A . n 
A 1 52 VAL 52 52 52 VAL VAL A . n 
A 1 53 PRO 53 53 53 PRO PRO A . n 
A 1 54 THR 54 54 54 THR THR A . n 
A 1 55 ALA 55 55 55 ALA ALA A . n 
A 1 56 TYR 56 56 56 TYR TYR A . n 
A 1 57 MET 57 57 57 MET MET A . n 
A 1 58 THR 58 58 58 THR THR A . n 
A 1 59 PRO 59 59 59 PRO PRO A . n 
A 1 60 TYR 60 60 60 TYR TYR A . n 
A 1 61 LYS 61 61 61 LYS LYS A . n 
A 1 62 ASP 62 62 62 ASP ASP A . n 
A 1 63 THR 63 63 63 THR THR A . n 
A 1 64 ARG 64 64 64 ARG ARG A . n 
A 1 65 ASN 65 65 65 ASN ASN A . n 
A 1 66 THR 66 66 66 THR THR A . n 
A 1 67 VAL 67 67 67 VAL VAL A . n 
A 1 68 PRO 68 68 68 PRO PRO A . n 
A 1 69 VAL 69 69 69 VAL VAL A . n 
# 
loop_
_pdbx_nonpoly_scheme.asym_id 
_pdbx_nonpoly_scheme.entity_id 
_pdbx_nonpoly_scheme.mon_id 
_pdbx_nonpoly_scheme.ndb_seq_num 
_pdbx_nonpoly_scheme.pdb_seq_num 
_pdbx_nonpoly_scheme.auth_seq_num 
_pdbx_nonpoly_scheme.pdb_mon_id 
_pdbx_nonpoly_scheme.auth_mon_id 
_pdbx_nonpoly_scheme.pdb_strand_id 
_pdbx_nonpoly_scheme.pdb_ins_code 
B 2 IMD 1   2510 2510 IMD IMD A . 
C 3 HOH 1   2511 1    HOH HOH A . 
C 3 HOH 2   2512 2    HOH HOH A . 
C 3 HOH 3   2513 3    HOH HOH A . 
C 3 HOH 4   2514 4    HOH HOH A . 
C 3 HOH 5   2515 5    HOH HOH A . 
C 3 HOH 6   2516 6    HOH HOH A . 
C 3 HOH 7   2517 7    HOH HOH A . 
C 3 HOH 8   2518 8    HOH HOH A . 
C 3 HOH 9   2519 9    HOH HOH A . 
C 3 HOH 10  2520 10   HOH HOH A . 
C 3 HOH 11  2521 11   HOH HOH A . 
C 3 HOH 12  2522 12   HOH HOH A . 
C 3 HOH 13  2523 13   HOH HOH A . 
C 3 HOH 14  2524 14   HOH HOH A . 
C 3 HOH 15  2525 15   HOH HOH A . 
C 3 HOH 16  2526 16   HOH HOH A . 
C 3 HOH 17  2527 17   HOH HOH A . 
C 3 HOH 18  2528 18   HOH HOH A . 
C 3 HOH 19  2529 19   HOH HOH A . 
C 3 HOH 20  2530 20   HOH HOH A . 
C 3 HOH 21  2531 21   HOH HOH A . 
C 3 HOH 22  2532 22   HOH HOH A . 
C 3 HOH 23  2533 23   HOH HOH A . 
C 3 HOH 24  2534 24   HOH HOH A . 
C 3 HOH 25  2535 25   HOH HOH A . 
C 3 HOH 26  2536 26   HOH HOH A . 
C 3 HOH 27  2537 27   HOH HOH A . 
C 3 HOH 28  2538 28   HOH HOH A . 
C 3 HOH 29  2539 29   HOH HOH A . 
C 3 HOH 30  2540 30   HOH HOH A . 
C 3 HOH 31  2541 31   HOH HOH A . 
C 3 HOH 32  2542 32   HOH HOH A . 
C 3 HOH 33  2543 33   HOH HOH A . 
C 3 HOH 34  2544 34   HOH HOH A . 
C 3 HOH 35  2545 35   HOH HOH A . 
C 3 HOH 36  2546 36   HOH HOH A . 
C 3 HOH 37  2547 37   HOH HOH A . 
C 3 HOH 38  2548 38   HOH HOH A . 
C 3 HOH 39  2549 39   HOH HOH A . 
C 3 HOH 40  2550 40   HOH HOH A . 
C 3 HOH 41  2551 41   HOH HOH A . 
C 3 HOH 42  2552 42   HOH HOH A . 
C 3 HOH 43  2553 43   HOH HOH A . 
C 3 HOH 44  2554 44   HOH HOH A . 
C 3 HOH 45  2555 45   HOH HOH A . 
C 3 HOH 46  2556 46   HOH HOH A . 
C 3 HOH 47  2557 47   HOH HOH A . 
C 3 HOH 48  2558 48   HOH HOH A . 
C 3 HOH 49  2559 49   HOH HOH A . 
C 3 HOH 50  2560 50   HOH HOH A . 
C 3 HOH 51  2561 51   HOH HOH A . 
C 3 HOH 52  2562 52   HOH HOH A . 
C 3 HOH 53  2563 53   HOH HOH A . 
C 3 HOH 54  2564 54   HOH HOH A . 
C 3 HOH 55  2565 55   HOH HOH A . 
C 3 HOH 56  2566 56   HOH HOH A . 
C 3 HOH 57  2567 57   HOH HOH A . 
C 3 HOH 58  2568 58   HOH HOH A . 
C 3 HOH 59  2569 59   HOH HOH A . 
C 3 HOH 60  2570 60   HOH HOH A . 
C 3 HOH 61  2571 61   HOH HOH A . 
C 3 HOH 62  2572 62   HOH HOH A . 
C 3 HOH 63  2573 63   HOH HOH A . 
C 3 HOH 64  2574 64   HOH HOH A . 
C 3 HOH 65  2575 65   HOH HOH A . 
C 3 HOH 66  2576 66   HOH HOH A . 
C 3 HOH 67  2577 67   HOH HOH A . 
C 3 HOH 68  2578 68   HOH HOH A . 
C 3 HOH 69  2579 69   HOH HOH A . 
C 3 HOH 70  2580 70   HOH HOH A . 
C 3 HOH 71  2581 71   HOH HOH A . 
C 3 HOH 72  2582 72   HOH HOH A . 
C 3 HOH 73  2583 73   HOH HOH A . 
C 3 HOH 74  2584 74   HOH HOH A . 
C 3 HOH 75  2585 75   HOH HOH A . 
C 3 HOH 76  2586 76   HOH HOH A . 
C 3 HOH 77  2587 77   HOH HOH A . 
C 3 HOH 78  2588 78   HOH HOH A . 
C 3 HOH 79  2589 79   HOH HOH A . 
C 3 HOH 80  2590 80   HOH HOH A . 
C 3 HOH 81  2591 81   HOH HOH A . 
C 3 HOH 82  2592 82   HOH HOH A . 
C 3 HOH 83  2593 83   HOH HOH A . 
C 3 HOH 84  2594 84   HOH HOH A . 
C 3 HOH 85  2595 85   HOH HOH A . 
C 3 HOH 86  2596 86   HOH HOH A . 
C 3 HOH 87  2597 87   HOH HOH A . 
C 3 HOH 88  2598 88   HOH HOH A . 
C 3 HOH 89  2599 89   HOH HOH A . 
C 3 HOH 90  2600 90   HOH HOH A . 
C 3 HOH 91  2601 91   HOH HOH A . 
C 3 HOH 92  2602 92   HOH HOH A . 
C 3 HOH 93  2603 93   HOH HOH A . 
C 3 HOH 94  2604 94   HOH HOH A . 
C 3 HOH 95  2605 95   HOH HOH A . 
C 3 HOH 96  2606 96   HOH HOH A . 
C 3 HOH 97  2607 97   HOH HOH A . 
C 3 HOH 98  2608 98   HOH HOH A . 
C 3 HOH 99  2609 99   HOH HOH A . 
C 3 HOH 100 2610 100  HOH HOH A . 
C 3 HOH 101 2611 101  HOH HOH A . 
C 3 HOH 102 2612 102  HOH HOH A . 
C 3 HOH 103 2613 103  HOH HOH A . 
C 3 HOH 104 2614 104  HOH HOH A . 
C 3 HOH 105 2615 105  HOH HOH A . 
C 3 HOH 106 2616 106  HOH HOH A . 
# 
loop_
_software.name 
_software.classification 
_software.version 
_software.citation_id 
_software.pdbx_ordinal 
REFMAC refinement       5.1.24       ? 1 
DENZO  'data reduction' .            ? 2 
CCP4   'data scaling'   '(TRUNCATE)' ? 3 
AMoRE  phasing          .            ? 4 
# 
_cell.entry_id           1RUW 
_cell.length_a           40.330 
_cell.length_b           48.000 
_cell.length_c           78.860 
_cell.angle_alpha        90.00 
_cell.angle_beta         90.00 
_cell.angle_gamma        90.00 
_cell.Z_PDB              8 
_cell.pdbx_unique_axis   ? 
# 
_symmetry.entry_id                         1RUW 
_symmetry.space_group_name_H-M             'I 2 2 2' 
_symmetry.pdbx_full_space_group_name_H-M   ? 
_symmetry.cell_setting                     ? 
_symmetry.Int_Tables_number                23 
_symmetry.space_group_name_Hall            ? 
# 
_exptl.entry_id          1RUW 
_exptl.method            'X-RAY DIFFRACTION' 
_exptl.crystals_number   1 
# 
_exptl_crystal.id                    1 
_exptl_crystal.density_meas          ? 
_exptl_crystal.density_Matthews      1.98 
_exptl_crystal.density_percent_sol   37.34 
_exptl_crystal.description           ? 
_exptl_crystal.F_000                 ? 
_exptl_crystal.preparation           ? 
# 
_exptl_crystal_grow.crystal_id      1 
_exptl_crystal_grow.method          'VAPOR DIFFUSION, SITTING DROP' 
_exptl_crystal_grow.temp            293 
_exptl_crystal_grow.temp_details    ? 
_exptl_crystal_grow.pH              8 
_exptl_crystal_grow.pdbx_details    'Ammonium sulfate, pH 8, VAPOR DIFFUSION, SITTING DROP, temperature 293K' 
_exptl_crystal_grow.pdbx_pH_range   . 
# 
_diffrn.id                     1 
_diffrn.ambient_temp           100 
_diffrn.ambient_temp_details   ? 
_diffrn.crystal_id             1 
# 
_diffrn_detector.diffrn_id              1 
_diffrn_detector.detector               CCD 
_diffrn_detector.type                   MARRESEARCH 
_diffrn_detector.pdbx_collection_date   2003-11-27 
_diffrn_detector.details                ? 
# 
_diffrn_radiation.diffrn_id                        1 
_diffrn_radiation.wavelength_id                    1 
_diffrn_radiation.pdbx_monochromatic_or_laue_m_l   M 
_diffrn_radiation.monochromator                    'TRIANGULAR MONOCHROMATOR' 
_diffrn_radiation.pdbx_diffrn_protocol             'SINGLE WAVELENGTH' 
_diffrn_radiation.pdbx_scattering_type             x-ray 
# 
_diffrn_radiation_wavelength.id           1 
_diffrn_radiation_wavelength.wavelength   0.811 
_diffrn_radiation_wavelength.wt           1.0 
# 
_diffrn_source.diffrn_id                   1 
_diffrn_source.source                      SYNCHROTRON 
_diffrn_source.type                        'EMBL/DESY, HAMBURG BEAMLINE X11' 
_diffrn_source.pdbx_synchrotron_site       'EMBL/DESY, HAMBURG' 
_diffrn_source.pdbx_synchrotron_beamline   X11 
_diffrn_source.pdbx_wavelength             ? 
_diffrn_source.pdbx_wavelength_list        0.811 
# 
_reflns.entry_id                     1RUW 
_reflns.observed_criterion_sigma_F   ? 
_reflns.observed_criterion_sigma_I   -3 
_reflns.d_resolution_high            1.8 
_reflns.d_resolution_low             20 
_reflns.number_all                   7396 
_reflns.number_obs                   7337 
_reflns.percent_possible_obs         99.2 
_reflns.pdbx_Rmerge_I_obs            0.084 
_reflns.pdbx_Rsym_value              0.061 
_reflns.pdbx_netI_over_sigmaI        12.7 
_reflns.B_iso_Wilson_estimate        ? 
_reflns.pdbx_redundancy              4.0 
_reflns.R_free_details               ? 
_reflns.limit_h_max                  ? 
_reflns.limit_h_min                  ? 
_reflns.limit_k_max                  ? 
_reflns.limit_k_min                  ? 
_reflns.limit_l_max                  ? 
_reflns.limit_l_min                  ? 
_reflns.observed_criterion_F_max     ? 
_reflns.observed_criterion_F_min     ? 
_reflns.pdbx_chi_squared             ? 
_reflns.pdbx_scaling_rejects         ? 
_reflns.pdbx_diffrn_id               1 
_reflns.pdbx_ordinal                 1 
# 
_reflns_shell.d_res_high             1.8 
_reflns_shell.d_res_low              1.9 
_reflns_shell.percent_possible_all   97.5 
_reflns_shell.Rmerge_I_obs           0.295 
_reflns_shell.pdbx_Rsym_value        0.367 
_reflns_shell.meanI_over_sigI_obs    3.8 
_reflns_shell.pdbx_redundancy        3.7 
_reflns_shell.percent_possible_obs   ? 
_reflns_shell.number_unique_all      ? 
_reflns_shell.number_measured_all    ? 
_reflns_shell.number_measured_obs    ? 
_reflns_shell.number_unique_obs      ? 
_reflns_shell.pdbx_chi_squared       ? 
_reflns_shell.pdbx_diffrn_id         ? 
_reflns_shell.pdbx_ordinal           1 
# 
_refine.entry_id                                 1RUW 
_refine.ls_number_reflns_obs                     6782 
_refine.ls_number_reflns_all                     ? 
_refine.pdbx_ls_sigma_I                          ? 
_refine.pdbx_ls_sigma_F                          ? 
_refine.pdbx_data_cutoff_high_absF               ? 
_refine.pdbx_data_cutoff_low_absF                ? 
_refine.pdbx_data_cutoff_high_rms_absF           ? 
_refine.ls_d_res_low                             10.00 
_refine.ls_d_res_high                            1.80 
_refine.ls_percent_reflns_obs                    99.36 
_refine.ls_R_factor_obs                          0.17759 
_refine.ls_R_factor_all                          0.17759 
_refine.ls_R_factor_R_work                       0.17279 
_refine.ls_R_factor_R_free                       0.24611 
_refine.ls_R_factor_R_free_error                 ? 
_refine.ls_R_factor_R_free_error_details         ? 
_refine.ls_percent_reflns_R_free                 7.0 
_refine.ls_number_reflns_R_free                  511 
_refine.ls_number_parameters                     ? 
_refine.ls_number_restraints                     ? 
_refine.occupancy_min                            ? 
_refine.occupancy_max                            ? 
_refine.correlation_coeff_Fo_to_Fc               0.962 
_refine.correlation_coeff_Fo_to_Fc_free          0.918 
_refine.B_iso_mean                               19.649 
_refine.aniso_B[1][1]                            1.13 
_refine.aniso_B[2][2]                            -1.82 
_refine.aniso_B[3][3]                            0.69 
_refine.aniso_B[1][2]                            0.00 
_refine.aniso_B[1][3]                            0.00 
_refine.aniso_B[2][3]                            0.00 
_refine.solvent_model_details                    'BABINET MODEL WITH MASK' 
_refine.solvent_model_param_ksol                 ? 
_refine.solvent_model_param_bsol                 ? 
_refine.pdbx_solvent_vdw_probe_radii             1.40 
_refine.pdbx_solvent_ion_probe_radii             0.80 
_refine.pdbx_solvent_shrinkage_radii             0.80 
_refine.pdbx_ls_cross_valid_method               THROUGHOUT 
_refine.details                                  'HYDROGENS HAVE BEEN ADDED IN THE RIDING POSITIONS' 
_refine.pdbx_starting_model                      ? 
_refine.pdbx_method_to_determine_struct          'MOLECULAR REPLACEMENT' 
_refine.pdbx_isotropic_thermal_model             ? 
_refine.pdbx_stereochemistry_target_values       'Engh & Huber' 
_refine.pdbx_stereochem_target_val_spec_case     ? 
_refine.pdbx_R_Free_selection_details            RANDOM 
_refine.pdbx_overall_ESU_R                       0.132 
_refine.pdbx_overall_ESU_R_Free                  0.145 
_refine.overall_SU_ML                            0.099 
_refine.overall_SU_B                             3.242 
_refine.ls_redundancy_reflns_obs                 ? 
_refine.B_iso_min                                ? 
_refine.B_iso_max                                ? 
_refine.overall_SU_R_Cruickshank_DPI             ? 
_refine.overall_SU_R_free                        ? 
_refine.ls_wR_factor_R_free                      ? 
_refine.ls_wR_factor_R_work                      ? 
_refine.overall_FOM_free_R_set                   ? 
_refine.overall_FOM_work_R_set                   ? 
_refine.pdbx_refine_id                           'X-RAY DIFFRACTION' 
_refine.pdbx_diffrn_id                           1 
_refine.pdbx_TLS_residual_ADP_flag               ? 
_refine.pdbx_overall_phase_error                 ? 
_refine.pdbx_overall_SU_R_free_Cruickshank_DPI   ? 
_refine.pdbx_overall_SU_R_Blow_DPI               ? 
_refine.pdbx_overall_SU_R_free_Blow_DPI          ? 
# 
_refine_hist.pdbx_refine_id                   'X-RAY DIFFRACTION' 
_refine_hist.cycle_id                         LAST 
_refine_hist.pdbx_number_atoms_protein        578 
_refine_hist.pdbx_number_atoms_nucleic_acid   0 
_refine_hist.pdbx_number_atoms_ligand         5 
_refine_hist.number_atoms_solvent             106 
_refine_hist.number_atoms_total               689 
_refine_hist.d_res_high                       1.80 
_refine_hist.d_res_low                        10.00 
# 
loop_
_refine_ls_restr.type 
_refine_ls_restr.dev_ideal 
_refine_ls_restr.dev_ideal_target 
_refine_ls_restr.weight 
_refine_ls_restr.number 
_refine_ls_restr.pdbx_refine_id 
_refine_ls_restr.pdbx_restraint_function 
r_bond_refined_d         0.011 0.022 ? 599  'X-RAY DIFFRACTION' ? 
r_bond_other_d           0.003 0.020 ? 547  'X-RAY DIFFRACTION' ? 
r_angle_refined_deg      1.018 1.989 ? 810  'X-RAY DIFFRACTION' ? 
r_angle_other_deg        0.641 3.000 ? 1298 'X-RAY DIFFRACTION' ? 
r_dihedral_angle_1_deg   8.696 5.000 ? 68   'X-RAY DIFFRACTION' ? 
r_chiral_restr           0.077 0.200 ? 88   'X-RAY DIFFRACTION' ? 
r_gen_planes_refined     0.005 0.020 ? 629  'X-RAY DIFFRACTION' ? 
r_gen_planes_other       0.001 0.020 ? 115  'X-RAY DIFFRACTION' ? 
r_nbd_refined            0.183 0.200 ? 133  'X-RAY DIFFRACTION' ? 
r_nbd_other              0.248 0.200 ? 642  'X-RAY DIFFRACTION' ? 
r_nbtor_other            0.082 0.200 ? 355  'X-RAY DIFFRACTION' ? 
r_xyhbond_nbd_refined    0.167 0.200 ? 70   'X-RAY DIFFRACTION' ? 
r_symmetry_vdw_refined   0.233 0.200 ? 18   'X-RAY DIFFRACTION' ? 
r_symmetry_vdw_other     0.262 0.200 ? 78   'X-RAY DIFFRACTION' ? 
r_symmetry_hbond_refined 0.165 0.200 ? 28   'X-RAY DIFFRACTION' ? 
r_mcbond_it              2.512 3.000 ? 355  'X-RAY DIFFRACTION' ? 
r_mcangle_it             3.583 5.000 ? 587  'X-RAY DIFFRACTION' ? 
r_scbond_it              4.174 5.000 ? 244  'X-RAY DIFFRACTION' ? 
r_scangle_it             5.165 6.000 ? 223  'X-RAY DIFFRACTION' ? 
# 
_refine_ls_shell.pdbx_total_number_of_bins_used   20 
_refine_ls_shell.d_res_high                       1.800 
_refine_ls_shell.d_res_low                        1.845 
_refine_ls_shell.number_reflns_R_work             454 
_refine_ls_shell.R_factor_R_work                  0.22 
_refine_ls_shell.percent_reflns_obs               ? 
_refine_ls_shell.R_factor_R_free                  0.282 
_refine_ls_shell.R_factor_R_free_error            ? 
_refine_ls_shell.percent_reflns_R_free            ? 
_refine_ls_shell.number_reflns_R_free             34 
_refine_ls_shell.number_reflns_obs                ? 
_refine_ls_shell.redundancy_reflns_obs            ? 
_refine_ls_shell.number_reflns_all                ? 
_refine_ls_shell.pdbx_refine_id                   'X-RAY DIFFRACTION' 
_refine_ls_shell.R_factor_all                     ? 
# 
_struct.entry_id                  1RUW 
_struct.title                     'Crystal structure of the SH3 domain from S. cerevisiae Myo3' 
_struct.pdbx_model_details        ? 
_struct.pdbx_CASP_flag            ? 
_struct.pdbx_model_type_details   ? 
# 
_struct_keywords.entry_id        1RUW 
_struct_keywords.pdbx_keywords   'CONTRACTILE PROTEIN' 
_struct_keywords.text            'SH3 domain, Myo3, yeast, high-throughput, structural genomics, CONTRACTILE PROTEIN' 
# 
loop_
_struct_asym.id 
_struct_asym.pdbx_blank_PDB_chainid_flag 
_struct_asym.pdbx_modified 
_struct_asym.entity_id 
_struct_asym.details 
A N N 1 ? 
B N N 2 ? 
C N N 3 ? 
# 
_struct_ref.id                         1 
_struct_ref.db_name                    UNP 
_struct_ref.db_code                    MYO3_YEAST 
_struct_ref.entity_id                  1 
_struct_ref.pdbx_seq_one_letter_code   KDPKFEAAYDFPGSGSSSELPLKKGDIVFISRDEPSGWSLAKLLDGSKEGWVPTAYMTPYKDTRNTVPV 
_struct_ref.pdbx_align_begin           1122 
_struct_ref.pdbx_db_accession          P36006 
_struct_ref.pdbx_db_isoform            ? 
# 
_struct_ref_seq.align_id                      1 
_struct_ref_seq.ref_id                        1 
_struct_ref_seq.pdbx_PDB_id_code              1RUW 
_struct_ref_seq.pdbx_strand_id                A 
_struct_ref_seq.seq_align_beg                 1 
_struct_ref_seq.pdbx_seq_align_beg_ins_code   ? 
_struct_ref_seq.seq_align_end                 69 
_struct_ref_seq.pdbx_seq_align_end_ins_code   ? 
_struct_ref_seq.pdbx_db_accession             P36006 
_struct_ref_seq.db_align_beg                  1122 
_struct_ref_seq.pdbx_db_align_beg_ins_code    ? 
_struct_ref_seq.db_align_end                  1190 
_struct_ref_seq.pdbx_db_align_end_ins_code    ? 
_struct_ref_seq.pdbx_auth_seq_align_beg       1 
_struct_ref_seq.pdbx_auth_seq_align_end       69 
# 
_pdbx_struct_assembly.id                   1 
_pdbx_struct_assembly.details              author_defined_assembly 
_pdbx_struct_assembly.method_details       ? 
_pdbx_struct_assembly.oligomeric_details   monomeric 
_pdbx_struct_assembly.oligomeric_count     1 
# 
_pdbx_struct_assembly_gen.assembly_id       1 
_pdbx_struct_assembly_gen.oper_expression   1 
_pdbx_struct_assembly_gen.asym_id_list      A,B,C 
# 
_pdbx_struct_oper_list.id                   1 
_pdbx_struct_oper_list.type                 'identity operation' 
_pdbx_struct_oper_list.name                 1_555 
_pdbx_struct_oper_list.symmetry_operation   x,y,z 
_pdbx_struct_oper_list.matrix[1][1]         1.0000000000 
_pdbx_struct_oper_list.matrix[1][2]         0.0000000000 
_pdbx_struct_oper_list.matrix[1][3]         0.0000000000 
_pdbx_struct_oper_list.vector[1]            0.0000000000 
_pdbx_struct_oper_list.matrix[2][1]         0.0000000000 
_pdbx_struct_oper_list.matrix[2][2]         1.0000000000 
_pdbx_struct_oper_list.matrix[2][3]         0.0000000000 
_pdbx_struct_oper_list.vector[2]            0.0000000000 
_pdbx_struct_oper_list.matrix[3][1]         0.0000000000 
_pdbx_struct_oper_list.matrix[3][2]         0.0000000000 
_pdbx_struct_oper_list.matrix[3][3]         1.0000000000 
_pdbx_struct_oper_list.vector[3]            0.0000000000 
# 
_struct_biol.id                    1 
_struct_biol.pdbx_parent_biol_id   ? 
_struct_biol.details               ? 
# 
_struct_sheet.id               A 
_struct_sheet.type             ? 
_struct_sheet.number_strands   5 
_struct_sheet.details          ? 
# 
loop_
_struct_sheet_order.sheet_id 
_struct_sheet_order.range_id_1 
_struct_sheet_order.range_id_2 
_struct_sheet_order.offset 
_struct_sheet_order.sense 
A 1 2 ? anti-parallel 
A 2 3 ? anti-parallel 
A 3 4 ? anti-parallel 
A 4 5 ? anti-parallel 
# 
loop_
_struct_sheet_range.sheet_id 
_struct_sheet_range.id 
_struct_sheet_range.beg_label_comp_id 
_struct_sheet_range.beg_label_asym_id 
_struct_sheet_range.beg_label_seq_id 
_struct_sheet_range.pdbx_beg_PDB_ins_code 
_struct_sheet_range.end_label_comp_id 
_struct_sheet_range.end_label_asym_id 
_struct_sheet_range.end_label_seq_id 
_struct_sheet_range.pdbx_end_PDB_ins_code 
_struct_sheet_range.beg_auth_comp_id 
_struct_sheet_range.beg_auth_asym_id 
_struct_sheet_range.beg_auth_seq_id 
_struct_sheet_range.end_auth_comp_id 
_struct_sheet_range.end_auth_asym_id 
_struct_sheet_range.end_auth_seq_id 
A 1 GLU A 49 ? PRO A 53 ? GLU A 49 PRO A 53 
A 2 TRP A 38 ? LEU A 43 ? TRP A 38 LEU A 43 
A 3 ILE A 27 ? ASP A 33 ? ILE A 27 ASP A 33 
A 4 LYS A 4  ? ALA A 7  ? LYS A 4  ALA A 7  
A 5 MET A 57 ? PRO A 59 ? MET A 57 PRO A 59 
# 
loop_
_pdbx_struct_sheet_hbond.sheet_id 
_pdbx_struct_sheet_hbond.range_id_1 
_pdbx_struct_sheet_hbond.range_id_2 
_pdbx_struct_sheet_hbond.range_1_label_atom_id 
_pdbx_struct_sheet_hbond.range_1_label_comp_id 
_pdbx_struct_sheet_hbond.range_1_label_asym_id 
_pdbx_struct_sheet_hbond.range_1_label_seq_id 
_pdbx_struct_sheet_hbond.range_1_PDB_ins_code 
_pdbx_struct_sheet_hbond.range_1_auth_atom_id 
_pdbx_struct_sheet_hbond.range_1_auth_comp_id 
_pdbx_struct_sheet_hbond.range_1_auth_asym_id 
_pdbx_struct_sheet_hbond.range_1_auth_seq_id 
_pdbx_struct_sheet_hbond.range_2_label_atom_id 
_pdbx_struct_sheet_hbond.range_2_label_comp_id 
_pdbx_struct_sheet_hbond.range_2_label_asym_id 
_pdbx_struct_sheet_hbond.range_2_label_seq_id 
_pdbx_struct_sheet_hbond.range_2_PDB_ins_code 
_pdbx_struct_sheet_hbond.range_2_auth_atom_id 
_pdbx_struct_sheet_hbond.range_2_auth_comp_id 
_pdbx_struct_sheet_hbond.range_2_auth_asym_id 
_pdbx_struct_sheet_hbond.range_2_auth_seq_id 
A 1 2 O VAL A 52 ? O VAL A 52 N SER A 39 ? N SER A 39 
A 2 3 O LYS A 42 ? O LYS A 42 N PHE A 29 ? N PHE A 29 
A 3 4 O VAL A 28 ? O VAL A 28 N PHE A 5  ? N PHE A 5  
A 4 5 N GLU A 6  ? N GLU A 6  O THR A 58 ? O THR A 58 
# 
_struct_site.id                   AC1 
_struct_site.pdbx_evidence_code   Software 
_struct_site.pdbx_auth_asym_id    A 
_struct_site.pdbx_auth_comp_id    IMD 
_struct_site.pdbx_auth_seq_id     2510 
_struct_site.pdbx_auth_ins_code   ? 
_struct_site.pdbx_num_residues    13 
_struct_site.details              'BINDING SITE FOR RESIDUE IMD A 2510' 
# 
loop_
_struct_site_gen.id 
_struct_site_gen.site_id 
_struct_site_gen.pdbx_num_res 
_struct_site_gen.label_comp_id 
_struct_site_gen.label_asym_id 
_struct_site_gen.label_seq_id 
_struct_site_gen.pdbx_auth_ins_code 
_struct_site_gen.auth_comp_id 
_struct_site_gen.auth_asym_id 
_struct_site_gen.auth_seq_id 
_struct_site_gen.label_atom_id 
_struct_site_gen.label_alt_id 
_struct_site_gen.symmetry 
_struct_site_gen.details 
1  AC1 13 ASP A 33 ? ASP A 33   . ? 1_555 ? 
2  AC1 13 ASP A 33 ? ASP A 33   . ? 3_656 ? 
3  AC1 13 GLU A 34 ? GLU A 34   . ? 1_555 ? 
4  AC1 13 GLU A 34 ? GLU A 34   . ? 3_656 ? 
5  AC1 13 PRO A 35 ? PRO A 35   . ? 1_555 ? 
6  AC1 13 HOH C .  ? HOH A 2562 . ? 4_566 ? 
7  AC1 13 HOH C .  ? HOH A 2562 . ? 2_665 ? 
8  AC1 13 HOH C .  ? HOH A 2598 . ? 4_566 ? 
9  AC1 13 HOH C .  ? HOH A 2598 . ? 3_656 ? 
10 AC1 13 HOH C .  ? HOH A 2598 . ? 2_665 ? 
11 AC1 13 HOH C .  ? HOH A 2598 . ? 1_555 ? 
12 AC1 13 HOH C .  ? HOH A 2608 . ? 1_555 ? 
13 AC1 13 HOH C .  ? HOH A 2608 . ? 3_656 ? 
# 
_pdbx_validate_torsion.id              1 
_pdbx_validate_torsion.PDB_model_num   1 
_pdbx_validate_torsion.auth_comp_id    ASP 
_pdbx_validate_torsion.auth_asym_id    A 
_pdbx_validate_torsion.auth_seq_id     2 
_pdbx_validate_torsion.PDB_ins_code    ? 
_pdbx_validate_torsion.label_alt_id    ? 
_pdbx_validate_torsion.phi             138.45 
_pdbx_validate_torsion.psi             -37.52 
# 
_pdbx_validate_peptide_omega.id               1 
_pdbx_validate_peptide_omega.PDB_model_num    1 
_pdbx_validate_peptide_omega.auth_comp_id_1   LYS 
_pdbx_validate_peptide_omega.auth_asym_id_1   A 
_pdbx_validate_peptide_omega.auth_seq_id_1    1 
_pdbx_validate_peptide_omega.PDB_ins_code_1   ? 
_pdbx_validate_peptide_omega.label_alt_id_1   ? 
_pdbx_validate_peptide_omega.auth_comp_id_2   ASP 
_pdbx_validate_peptide_omega.auth_asym_id_2   A 
_pdbx_validate_peptide_omega.auth_seq_id_2    2 
_pdbx_validate_peptide_omega.PDB_ins_code_2   ? 
_pdbx_validate_peptide_omega.label_alt_id_2   ? 
_pdbx_validate_peptide_omega.omega            140.35 
# 
_pdbx_struct_special_symmetry.id              1 
_pdbx_struct_special_symmetry.PDB_model_num   1 
_pdbx_struct_special_symmetry.auth_asym_id    A 
_pdbx_struct_special_symmetry.auth_comp_id    HOH 
_pdbx_struct_special_symmetry.auth_seq_id     2588 
_pdbx_struct_special_symmetry.PDB_ins_code    ? 
_pdbx_struct_special_symmetry.label_asym_id   C 
_pdbx_struct_special_symmetry.label_comp_id   HOH 
_pdbx_struct_special_symmetry.label_seq_id    . 
# 
loop_
_chem_comp_atom.comp_id 
_chem_comp_atom.atom_id 
_chem_comp_atom.type_symbol 
_chem_comp_atom.pdbx_aromatic_flag 
_chem_comp_atom.pdbx_stereo_config 
_chem_comp_atom.pdbx_ordinal 
ALA N    N N N 1   
ALA CA   C N S 2   
ALA C    C N N 3   
ALA O    O N N 4   
ALA CB   C N N 5   
ALA OXT  O N N 6   
ALA H    H N N 7   
ALA H2   H N N 8   
ALA HA   H N N 9   
ALA HB1  H N N 10  
ALA HB2  H N N 11  
ALA HB3  H N N 12  
ALA HXT  H N N 13  
ARG N    N N N 14  
ARG CA   C N S 15  
ARG C    C N N 16  
ARG O    O N N 17  
ARG CB   C N N 18  
ARG CG   C N N 19  
ARG CD   C N N 20  
ARG NE   N N N 21  
ARG CZ   C N N 22  
ARG NH1  N N N 23  
ARG NH2  N N N 24  
ARG OXT  O N N 25  
ARG H    H N N 26  
ARG H2   H N N 27  
ARG HA   H N N 28  
ARG HB2  H N N 29  
ARG HB3  H N N 30  
ARG HG2  H N N 31  
ARG HG3  H N N 32  
ARG HD2  H N N 33  
ARG HD3  H N N 34  
ARG HE   H N N 35  
ARG HH11 H N N 36  
ARG HH12 H N N 37  
ARG HH21 H N N 38  
ARG HH22 H N N 39  
ARG HXT  H N N 40  
ASN N    N N N 41  
ASN CA   C N S 42  
ASN C    C N N 43  
ASN O    O N N 44  
ASN CB   C N N 45  
ASN CG   C N N 46  
ASN OD1  O N N 47  
ASN ND2  N N N 48  
ASN OXT  O N N 49  
ASN H    H N N 50  
ASN H2   H N N 51  
ASN HA   H N N 52  
ASN HB2  H N N 53  
ASN HB3  H N N 54  
ASN HD21 H N N 55  
ASN HD22 H N N 56  
ASN HXT  H N N 57  
ASP N    N N N 58  
ASP CA   C N S 59  
ASP C    C N N 60  
ASP O    O N N 61  
ASP CB   C N N 62  
ASP CG   C N N 63  
ASP OD1  O N N 64  
ASP OD2  O N N 65  
ASP OXT  O N N 66  
ASP H    H N N 67  
ASP H2   H N N 68  
ASP HA   H N N 69  
ASP HB2  H N N 70  
ASP HB3  H N N 71  
ASP HD2  H N N 72  
ASP HXT  H N N 73  
GLU N    N N N 74  
GLU CA   C N S 75  
GLU C    C N N 76  
GLU O    O N N 77  
GLU CB   C N N 78  
GLU CG   C N N 79  
GLU CD   C N N 80  
GLU OE1  O N N 81  
GLU OE2  O N N 82  
GLU OXT  O N N 83  
GLU H    H N N 84  
GLU H2   H N N 85  
GLU HA   H N N 86  
GLU HB2  H N N 87  
GLU HB3  H N N 88  
GLU HG2  H N N 89  
GLU HG3  H N N 90  
GLU HE2  H N N 91  
GLU HXT  H N N 92  
GLY N    N N N 93  
GLY CA   C N N 94  
GLY C    C N N 95  
GLY O    O N N 96  
GLY OXT  O N N 97  
GLY H    H N N 98  
GLY H2   H N N 99  
GLY HA2  H N N 100 
GLY HA3  H N N 101 
GLY HXT  H N N 102 
HOH O    O N N 103 
HOH H1   H N N 104 
HOH H2   H N N 105 
ILE N    N N N 106 
ILE CA   C N S 107 
ILE C    C N N 108 
ILE O    O N N 109 
ILE CB   C N S 110 
ILE CG1  C N N 111 
ILE CG2  C N N 112 
ILE CD1  C N N 113 
ILE OXT  O N N 114 
ILE H    H N N 115 
ILE H2   H N N 116 
ILE HA   H N N 117 
ILE HB   H N N 118 
ILE HG12 H N N 119 
ILE HG13 H N N 120 
ILE HG21 H N N 121 
ILE HG22 H N N 122 
ILE HG23 H N N 123 
ILE HD11 H N N 124 
ILE HD12 H N N 125 
ILE HD13 H N N 126 
ILE HXT  H N N 127 
IMD N1   N Y N 128 
IMD C2   C Y N 129 
IMD N3   N Y N 130 
IMD C4   C Y N 131 
IMD C5   C Y N 132 
IMD HN1  H N N 133 
IMD H2   H N N 134 
IMD HN3  H N N 135 
IMD H4   H N N 136 
IMD H5   H N N 137 
LEU N    N N N 138 
LEU CA   C N S 139 
LEU C    C N N 140 
LEU O    O N N 141 
LEU CB   C N N 142 
LEU CG   C N N 143 
LEU CD1  C N N 144 
LEU CD2  C N N 145 
LEU OXT  O N N 146 
LEU H    H N N 147 
LEU H2   H N N 148 
LEU HA   H N N 149 
LEU HB2  H N N 150 
LEU HB3  H N N 151 
LEU HG   H N N 152 
LEU HD11 H N N 153 
LEU HD12 H N N 154 
LEU HD13 H N N 155 
LEU HD21 H N N 156 
LEU HD22 H N N 157 
LEU HD23 H N N 158 
LEU HXT  H N N 159 
LYS N    N N N 160 
LYS CA   C N S 161 
LYS C    C N N 162 
LYS O    O N N 163 
LYS CB   C N N 164 
LYS CG   C N N 165 
LYS CD   C N N 166 
LYS CE   C N N 167 
LYS NZ   N N N 168 
LYS OXT  O N N 169 
LYS H    H N N 170 
LYS H2   H N N 171 
LYS HA   H N N 172 
LYS HB2  H N N 173 
LYS HB3  H N N 174 
LYS HG2  H N N 175 
LYS HG3  H N N 176 
LYS HD2  H N N 177 
LYS HD3  H N N 178 
LYS HE2  H N N 179 
LYS HE3  H N N 180 
LYS HZ1  H N N 181 
LYS HZ2  H N N 182 
LYS HZ3  H N N 183 
LYS HXT  H N N 184 
MET N    N N N 185 
MET CA   C N S 186 
MET C    C N N 187 
MET O    O N N 188 
MET CB   C N N 189 
MET CG   C N N 190 
MET SD   S N N 191 
MET CE   C N N 192 
MET OXT  O N N 193 
MET H    H N N 194 
MET H2   H N N 195 
MET HA   H N N 196 
MET HB2  H N N 197 
MET HB3  H N N 198 
MET HG2  H N N 199 
MET HG3  H N N 200 
MET HE1  H N N 201 
MET HE2  H N N 202 
MET HE3  H N N 203 
MET HXT  H N N 204 
PHE N    N N N 205 
PHE CA   C N S 206 
PHE C    C N N 207 
PHE O    O N N 208 
PHE CB   C N N 209 
PHE CG   C Y N 210 
PHE CD1  C Y N 211 
PHE CD2  C Y N 212 
PHE CE1  C Y N 213 
PHE CE2  C Y N 214 
PHE CZ   C Y N 215 
PHE OXT  O N N 216 
PHE H    H N N 217 
PHE H2   H N N 218 
PHE HA   H N N 219 
PHE HB2  H N N 220 
PHE HB3  H N N 221 
PHE HD1  H N N 222 
PHE HD2  H N N 223 
PHE HE1  H N N 224 
PHE HE2  H N N 225 
PHE HZ   H N N 226 
PHE HXT  H N N 227 
PRO N    N N N 228 
PRO CA   C N S 229 
PRO C    C N N 230 
PRO O    O N N 231 
PRO CB   C N N 232 
PRO CG   C N N 233 
PRO CD   C N N 234 
PRO OXT  O N N 235 
PRO H    H N N 236 
PRO HA   H N N 237 
PRO HB2  H N N 238 
PRO HB3  H N N 239 
PRO HG2  H N N 240 
PRO HG3  H N N 241 
PRO HD2  H N N 242 
PRO HD3  H N N 243 
PRO HXT  H N N 244 
SER N    N N N 245 
SER CA   C N S 246 
SER C    C N N 247 
SER O    O N N 248 
SER CB   C N N 249 
SER OG   O N N 250 
SER OXT  O N N 251 
SER H    H N N 252 
SER H2   H N N 253 
SER HA   H N N 254 
SER HB2  H N N 255 
SER HB3  H N N 256 
SER HG   H N N 257 
SER HXT  H N N 258 
THR N    N N N 259 
THR CA   C N S 260 
THR C    C N N 261 
THR O    O N N 262 
THR CB   C N R 263 
THR OG1  O N N 264 
THR CG2  C N N 265 
THR OXT  O N N 266 
THR H    H N N 267 
THR H2   H N N 268 
THR HA   H N N 269 
THR HB   H N N 270 
THR HG1  H N N 271 
THR HG21 H N N 272 
THR HG22 H N N 273 
THR HG23 H N N 274 
THR HXT  H N N 275 
TRP N    N N N 276 
TRP CA   C N S 277 
TRP C    C N N 278 
TRP O    O N N 279 
TRP CB   C N N 280 
TRP CG   C Y N 281 
TRP CD1  C Y N 282 
TRP CD2  C Y N 283 
TRP NE1  N Y N 284 
TRP CE2  C Y N 285 
TRP CE3  C Y N 286 
TRP CZ2  C Y N 287 
TRP CZ3  C Y N 288 
TRP CH2  C Y N 289 
TRP OXT  O N N 290 
TRP H    H N N 291 
TRP H2   H N N 292 
TRP HA   H N N 293 
TRP HB2  H N N 294 
TRP HB3  H N N 295 
TRP HD1  H N N 296 
TRP HE1  H N N 297 
TRP HE3  H N N 298 
TRP HZ2  H N N 299 
TRP HZ3  H N N 300 
TRP HH2  H N N 301 
TRP HXT  H N N 302 
TYR N    N N N 303 
TYR CA   C N S 304 
TYR C    C N N 305 
TYR O    O N N 306 
TYR CB   C N N 307 
TYR CG   C Y N 308 
TYR CD1  C Y N 309 
TYR CD2  C Y N 310 
TYR CE1  C Y N 311 
TYR CE2  C Y N 312 
TYR CZ   C Y N 313 
TYR OH   O N N 314 
TYR OXT  O N N 315 
TYR H    H N N 316 
TYR H2   H N N 317 
TYR HA   H N N 318 
TYR HB2  H N N 319 
TYR HB3  H N N 320 
TYR HD1  H N N 321 
TYR HD2  H N N 322 
TYR HE1  H N N 323 
TYR HE2  H N N 324 
TYR HH   H N N 325 
TYR HXT  H N N 326 
VAL N    N N N 327 
VAL CA   C N S 328 
VAL C    C N N 329 
VAL O    O N N 330 
VAL CB   C N N 331 
VAL CG1  C N N 332 
VAL CG2  C N N 333 
VAL OXT  O N N 334 
VAL H    H N N 335 
VAL H2   H N N 336 
VAL HA   H N N 337 
VAL HB   H N N 338 
VAL HG11 H N N 339 
VAL HG12 H N N 340 
VAL HG13 H N N 341 
VAL HG21 H N N 342 
VAL HG22 H N N 343 
VAL HG23 H N N 344 
VAL HXT  H N N 345 
# 
loop_
_chem_comp_bond.comp_id 
_chem_comp_bond.atom_id_1 
_chem_comp_bond.atom_id_2 
_chem_comp_bond.value_order 
_chem_comp_bond.pdbx_aromatic_flag 
_chem_comp_bond.pdbx_stereo_config 
_chem_comp_bond.pdbx_ordinal 
ALA N   CA   sing N N 1   
ALA N   H    sing N N 2   
ALA N   H2   sing N N 3   
ALA CA  C    sing N N 4   
ALA CA  CB   sing N N 5   
ALA CA  HA   sing N N 6   
ALA C   O    doub N N 7   
ALA C   OXT  sing N N 8   
ALA CB  HB1  sing N N 9   
ALA CB  HB2  sing N N 10  
ALA CB  HB3  sing N N 11  
ALA OXT HXT  sing N N 12  
ARG N   CA   sing N N 13  
ARG N   H    sing N N 14  
ARG N   H2   sing N N 15  
ARG CA  C    sing N N 16  
ARG CA  CB   sing N N 17  
ARG CA  HA   sing N N 18  
ARG C   O    doub N N 19  
ARG C   OXT  sing N N 20  
ARG CB  CG   sing N N 21  
ARG CB  HB2  sing N N 22  
ARG CB  HB3  sing N N 23  
ARG CG  CD   sing N N 24  
ARG CG  HG2  sing N N 25  
ARG CG  HG3  sing N N 26  
ARG CD  NE   sing N N 27  
ARG CD  HD2  sing N N 28  
ARG CD  HD3  sing N N 29  
ARG NE  CZ   sing N N 30  
ARG NE  HE   sing N N 31  
ARG CZ  NH1  sing N N 32  
ARG CZ  NH2  doub N N 33  
ARG NH1 HH11 sing N N 34  
ARG NH1 HH12 sing N N 35  
ARG NH2 HH21 sing N N 36  
ARG NH2 HH22 sing N N 37  
ARG OXT HXT  sing N N 38  
ASN N   CA   sing N N 39  
ASN N   H    sing N N 40  
ASN N   H2   sing N N 41  
ASN CA  C    sing N N 42  
ASN CA  CB   sing N N 43  
ASN CA  HA   sing N N 44  
ASN C   O    doub N N 45  
ASN C   OXT  sing N N 46  
ASN CB  CG   sing N N 47  
ASN CB  HB2  sing N N 48  
ASN CB  HB3  sing N N 49  
ASN CG  OD1  doub N N 50  
ASN CG  ND2  sing N N 51  
ASN ND2 HD21 sing N N 52  
ASN ND2 HD22 sing N N 53  
ASN OXT HXT  sing N N 54  
ASP N   CA   sing N N 55  
ASP N   H    sing N N 56  
ASP N   H2   sing N N 57  
ASP CA  C    sing N N 58  
ASP CA  CB   sing N N 59  
ASP CA  HA   sing N N 60  
ASP C   O    doub N N 61  
ASP C   OXT  sing N N 62  
ASP CB  CG   sing N N 63  
ASP CB  HB2  sing N N 64  
ASP CB  HB3  sing N N 65  
ASP CG  OD1  doub N N 66  
ASP CG  OD2  sing N N 67  
ASP OD2 HD2  sing N N 68  
ASP OXT HXT  sing N N 69  
GLU N   CA   sing N N 70  
GLU N   H    sing N N 71  
GLU N   H2   sing N N 72  
GLU CA  C    sing N N 73  
GLU CA  CB   sing N N 74  
GLU CA  HA   sing N N 75  
GLU C   O    doub N N 76  
GLU C   OXT  sing N N 77  
GLU CB  CG   sing N N 78  
GLU CB  HB2  sing N N 79  
GLU CB  HB3  sing N N 80  
GLU CG  CD   sing N N 81  
GLU CG  HG2  sing N N 82  
GLU CG  HG3  sing N N 83  
GLU CD  OE1  doub N N 84  
GLU CD  OE2  sing N N 85  
GLU OE2 HE2  sing N N 86  
GLU OXT HXT  sing N N 87  
GLY N   CA   sing N N 88  
GLY N   H    sing N N 89  
GLY N   H2   sing N N 90  
GLY CA  C    sing N N 91  
GLY CA  HA2  sing N N 92  
GLY CA  HA3  sing N N 93  
GLY C   O    doub N N 94  
GLY C   OXT  sing N N 95  
GLY OXT HXT  sing N N 96  
HOH O   H1   sing N N 97  
HOH O   H2   sing N N 98  
ILE N   CA   sing N N 99  
ILE N   H    sing N N 100 
ILE N   H2   sing N N 101 
ILE CA  C    sing N N 102 
ILE CA  CB   sing N N 103 
ILE CA  HA   sing N N 104 
ILE C   O    doub N N 105 
ILE C   OXT  sing N N 106 
ILE CB  CG1  sing N N 107 
ILE CB  CG2  sing N N 108 
ILE CB  HB   sing N N 109 
ILE CG1 CD1  sing N N 110 
ILE CG1 HG12 sing N N 111 
ILE CG1 HG13 sing N N 112 
ILE CG2 HG21 sing N N 113 
ILE CG2 HG22 sing N N 114 
ILE CG2 HG23 sing N N 115 
ILE CD1 HD11 sing N N 116 
ILE CD1 HD12 sing N N 117 
ILE CD1 HD13 sing N N 118 
ILE OXT HXT  sing N N 119 
IMD N1  C2   sing Y N 120 
IMD N1  C5   sing Y N 121 
IMD N1  HN1  sing N N 122 
IMD C2  N3   doub Y N 123 
IMD C2  H2   sing N N 124 
IMD N3  C4   sing Y N 125 
IMD N3  HN3  sing N N 126 
IMD C4  C5   doub Y N 127 
IMD C4  H4   sing N N 128 
IMD C5  H5   sing N N 129 
LEU N   CA   sing N N 130 
LEU N   H    sing N N 131 
LEU N   H2   sing N N 132 
LEU CA  C    sing N N 133 
LEU CA  CB   sing N N 134 
LEU CA  HA   sing N N 135 
LEU C   O    doub N N 136 
LEU C   OXT  sing N N 137 
LEU CB  CG   sing N N 138 
LEU CB  HB2  sing N N 139 
LEU CB  HB3  sing N N 140 
LEU CG  CD1  sing N N 141 
LEU CG  CD2  sing N N 142 
LEU CG  HG   sing N N 143 
LEU CD1 HD11 sing N N 144 
LEU CD1 HD12 sing N N 145 
LEU CD1 HD13 sing N N 146 
LEU CD2 HD21 sing N N 147 
LEU CD2 HD22 sing N N 148 
LEU CD2 HD23 sing N N 149 
LEU OXT HXT  sing N N 150 
LYS N   CA   sing N N 151 
LYS N   H    sing N N 152 
LYS N   H2   sing N N 153 
LYS CA  C    sing N N 154 
LYS CA  CB   sing N N 155 
LYS CA  HA   sing N N 156 
LYS C   O    doub N N 157 
LYS C   OXT  sing N N 158 
LYS CB  CG   sing N N 159 
LYS CB  HB2  sing N N 160 
LYS CB  HB3  sing N N 161 
LYS CG  CD   sing N N 162 
LYS CG  HG2  sing N N 163 
LYS CG  HG3  sing N N 164 
LYS CD  CE   sing N N 165 
LYS CD  HD2  sing N N 166 
LYS CD  HD3  sing N N 167 
LYS CE  NZ   sing N N 168 
LYS CE  HE2  sing N N 169 
LYS CE  HE3  sing N N 170 
LYS NZ  HZ1  sing N N 171 
LYS NZ  HZ2  sing N N 172 
LYS NZ  HZ3  sing N N 173 
LYS OXT HXT  sing N N 174 
MET N   CA   sing N N 175 
MET N   H    sing N N 176 
MET N   H2   sing N N 177 
MET CA  C    sing N N 178 
MET CA  CB   sing N N 179 
MET CA  HA   sing N N 180 
MET C   O    doub N N 181 
MET C   OXT  sing N N 182 
MET CB  CG   sing N N 183 
MET CB  HB2  sing N N 184 
MET CB  HB3  sing N N 185 
MET CG  SD   sing N N 186 
MET CG  HG2  sing N N 187 
MET CG  HG3  sing N N 188 
MET SD  CE   sing N N 189 
MET CE  HE1  sing N N 190 
MET CE  HE2  sing N N 191 
MET CE  HE3  sing N N 192 
MET OXT HXT  sing N N 193 
PHE N   CA   sing N N 194 
PHE N   H    sing N N 195 
PHE N   H2   sing N N 196 
PHE CA  C    sing N N 197 
PHE CA  CB   sing N N 198 
PHE CA  HA   sing N N 199 
PHE C   O    doub N N 200 
PHE C   OXT  sing N N 201 
PHE CB  CG   sing N N 202 
PHE CB  HB2  sing N N 203 
PHE CB  HB3  sing N N 204 
PHE CG  CD1  doub Y N 205 
PHE CG  CD2  sing Y N 206 
PHE CD1 CE1  sing Y N 207 
PHE CD1 HD1  sing N N 208 
PHE CD2 CE2  doub Y N 209 
PHE CD2 HD2  sing N N 210 
PHE CE1 CZ   doub Y N 211 
PHE CE1 HE1  sing N N 212 
PHE CE2 CZ   sing Y N 213 
PHE CE2 HE2  sing N N 214 
PHE CZ  HZ   sing N N 215 
PHE OXT HXT  sing N N 216 
PRO N   CA   sing N N 217 
PRO N   CD   sing N N 218 
PRO N   H    sing N N 219 
PRO CA  C    sing N N 220 
PRO CA  CB   sing N N 221 
PRO CA  HA   sing N N 222 
PRO C   O    doub N N 223 
PRO C   OXT  sing N N 224 
PRO CB  CG   sing N N 225 
PRO CB  HB2  sing N N 226 
PRO CB  HB3  sing N N 227 
PRO CG  CD   sing N N 228 
PRO CG  HG2  sing N N 229 
PRO CG  HG3  sing N N 230 
PRO CD  HD2  sing N N 231 
PRO CD  HD3  sing N N 232 
PRO OXT HXT  sing N N 233 
SER N   CA   sing N N 234 
SER N   H    sing N N 235 
SER N   H2   sing N N 236 
SER CA  C    sing N N 237 
SER CA  CB   sing N N 238 
SER CA  HA   sing N N 239 
SER C   O    doub N N 240 
SER C   OXT  sing N N 241 
SER CB  OG   sing N N 242 
SER CB  HB2  sing N N 243 
SER CB  HB3  sing N N 244 
SER OG  HG   sing N N 245 
SER OXT HXT  sing N N 246 
THR N   CA   sing N N 247 
THR N   H    sing N N 248 
THR N   H2   sing N N 249 
THR CA  C    sing N N 250 
THR CA  CB   sing N N 251 
THR CA  HA   sing N N 252 
THR C   O    doub N N 253 
THR C   OXT  sing N N 254 
THR CB  OG1  sing N N 255 
THR CB  CG2  sing N N 256 
THR CB  HB   sing N N 257 
THR OG1 HG1  sing N N 258 
THR CG2 HG21 sing N N 259 
THR CG2 HG22 sing N N 260 
THR CG2 HG23 sing N N 261 
THR OXT HXT  sing N N 262 
TRP N   CA   sing N N 263 
TRP N   H    sing N N 264 
TRP N   H2   sing N N 265 
TRP CA  C    sing N N 266 
TRP CA  CB   sing N N 267 
TRP CA  HA   sing N N 268 
TRP C   O    doub N N 269 
TRP C   OXT  sing N N 270 
TRP CB  CG   sing N N 271 
TRP CB  HB2  sing N N 272 
TRP CB  HB3  sing N N 273 
TRP CG  CD1  doub Y N 274 
TRP CG  CD2  sing Y N 275 
TRP CD1 NE1  sing Y N 276 
TRP CD1 HD1  sing N N 277 
TRP CD2 CE2  doub Y N 278 
TRP CD2 CE3  sing Y N 279 
TRP NE1 CE2  sing Y N 280 
TRP NE1 HE1  sing N N 281 
TRP CE2 CZ2  sing Y N 282 
TRP CE3 CZ3  doub Y N 283 
TRP CE3 HE3  sing N N 284 
TRP CZ2 CH2  doub Y N 285 
TRP CZ2 HZ2  sing N N 286 
TRP CZ3 CH2  sing Y N 287 
TRP CZ3 HZ3  sing N N 288 
TRP CH2 HH2  sing N N 289 
TRP OXT HXT  sing N N 290 
TYR N   CA   sing N N 291 
TYR N   H    sing N N 292 
TYR N   H2   sing N N 293 
TYR CA  C    sing N N 294 
TYR CA  CB   sing N N 295 
TYR CA  HA   sing N N 296 
TYR C   O    doub N N 297 
TYR C   OXT  sing N N 298 
TYR CB  CG   sing N N 299 
TYR CB  HB2  sing N N 300 
TYR CB  HB3  sing N N 301 
TYR CG  CD1  doub Y N 302 
TYR CG  CD2  sing Y N 303 
TYR CD1 CE1  sing Y N 304 
TYR CD1 HD1  sing N N 305 
TYR CD2 CE2  doub Y N 306 
TYR CD2 HD2  sing N N 307 
TYR CE1 CZ   doub Y N 308 
TYR CE1 HE1  sing N N 309 
TYR CE2 CZ   sing Y N 310 
TYR CE2 HE2  sing N N 311 
TYR CZ  OH   sing N N 312 
TYR OH  HH   sing N N 313 
TYR OXT HXT  sing N N 314 
VAL N   CA   sing N N 315 
VAL N   H    sing N N 316 
VAL N   H2   sing N N 317 
VAL CA  C    sing N N 318 
VAL CA  CB   sing N N 319 
VAL CA  HA   sing N N 320 
VAL C   O    doub N N 321 
VAL C   OXT  sing N N 322 
VAL CB  CG1  sing N N 323 
VAL CB  CG2  sing N N 324 
VAL CB  HB   sing N N 325 
VAL CG1 HG11 sing N N 326 
VAL CG1 HG12 sing N N 327 
VAL CG1 HG13 sing N N 328 
VAL CG2 HG21 sing N N 329 
VAL CG2 HG22 sing N N 330 
VAL CG2 HG23 sing N N 331 
VAL OXT HXT  sing N N 332 
# 
_atom_sites.entry_id                    1RUW 
_atom_sites.fract_transf_matrix[1][1]   0.01963421 
_atom_sites.fract_transf_matrix[1][2]   0.00840864 
_atom_sites.fract_transf_matrix[1][3]   0.01259304 
_atom_sites.fract_transf_matrix[2][1]   -0.01202461 
_atom_sites.fract_transf_matrix[2][2]   0.00299786 
_atom_sites.fract_transf_matrix[2][3]   0.01674621 
_atom_sites.fract_transf_matrix[3][1]   0.00253006 
_atom_sites.fract_transf_matrix[3][2]   -0.01178914 
_atom_sites.fract_transf_matrix[3][3]   0.00392716 
_atom_sites.fract_transf_vector[1]      0.322344 
_atom_sites.fract_transf_vector[2]      0.317988 
_atom_sites.fract_transf_vector[3]      0.343028 
# 
loop_
_atom_type.symbol 
C 
N 
O 
S 
# 
loop_
_atom_site.group_PDB 
_atom_site.id 
_atom_site.type_symbol 
_atom_site.label_atom_id 
_atom_site.label_alt_id 
_atom_site.label_comp_id 
_atom_site.label_asym_id 
_atom_site.label_entity_id 
_atom_site.label_seq_id 
_atom_site.pdbx_PDB_ins_code 
_atom_site.Cartn_x 
_atom_site.Cartn_y 
_atom_site.Cartn_z 
_atom_site.occupancy 
_atom_site.B_iso_or_equiv 
_atom_site.pdbx_formal_charge 
_atom_site.auth_seq_id 
_atom_site.auth_comp_id 
_atom_site.auth_asym_id 
_atom_site.auth_atom_id 
_atom_site.pdbx_PDB_model_num 
ATOM   1   N N   . LYS A 1 1  ? 7.055   -8.971  -3.557  1.00 44.75 ? 1    LYS A N   1 
ATOM   2   C CA  . LYS A 1 1  ? 5.757   -8.355  -3.153  1.00 39.25 ? 1    LYS A CA  1 
ATOM   3   C C   . LYS A 1 1  ? 4.637   -9.371  -3.244  1.00 36.94 ? 1    LYS A C   1 
ATOM   4   O O   . LYS A 1 1  ? 4.804   -10.513 -2.815  1.00 35.49 ? 1    LYS A O   1 
ATOM   5   C CB  . LYS A 1 1  ? 5.443   -7.143  -4.036  1.00 40.44 ? 1    LYS A CB  1 
ATOM   6   C CG  . LYS A 1 1  ? 6.469   -6.047  -3.984  1.00 33.33 ? 1    LYS A CG  1 
ATOM   7   C CD  . LYS A 1 1  ? 6.244   -5.112  -2.799  1.00 40.95 ? 1    LYS A CD  1 
ATOM   8   C CE  . LYS A 1 1  ? 7.563   -4.509  -2.332  1.00 35.77 ? 1    LYS A CE  1 
ATOM   9   N NZ  . LYS A 1 1  ? 7.371   -3.540  -1.279  1.00 45.23 ? 1    LYS A NZ  1 
ATOM   10  N N   . ASP A 1 2  ? 3.455   -8.902  -3.658  1.00 32.21 ? 2    ASP A N   1 
ATOM   11  C CA  . ASP A 1 2  ? 2.560   -9.640  -4.578  1.00 33.39 ? 2    ASP A CA  1 
ATOM   12  C C   . ASP A 1 2  ? 1.060   -9.574  -4.202  1.00 25.05 ? 2    ASP A C   1 
ATOM   13  O O   . ASP A 1 2  ? 0.220   -9.469  -5.093  1.00 32.13 ? 2    ASP A O   1 
ATOM   14  C CB  . ASP A 1 2  ? 3.054   -11.094 -4.859  1.00 34.47 ? 2    ASP A CB  1 
ATOM   15  C CG  . ASP A 1 2  ? 2.039   -12.159 -4.476  1.00 39.25 ? 2    ASP A CG  1 
ATOM   16  O OD1 . ASP A 1 2  ? 2.240   -12.827 -3.441  1.00 49.65 ? 2    ASP A OD1 1 
ATOM   17  O OD2 . ASP A 1 2  ? 1.046   -12.438 -5.178  1.00 45.43 ? 2    ASP A OD2 1 
ATOM   18  N N   . PRO A 1 3  ? 0.715   -9.605  -2.907  1.00 26.58 ? 3    PRO A N   1 
ATOM   19  C CA  . PRO A 1 3  ? -0.648  -9.242  -2.493  1.00 23.98 ? 3    PRO A CA  1 
ATOM   20  C C   . PRO A 1 3  ? -0.882  -7.736  -2.588  1.00 19.14 ? 3    PRO A C   1 
ATOM   21  O O   . PRO A 1 3  ? 0.029   -6.955  -2.287  1.00 18.34 ? 3    PRO A O   1 
ATOM   22  C CB  . PRO A 1 3  ? -0.722  -9.722  -1.035  1.00 27.07 ? 3    PRO A CB  1 
ATOM   23  C CG  . PRO A 1 3  ? 0.691   -9.723  -0.560  1.00 28.51 ? 3    PRO A CG  1 
ATOM   24  C CD  . PRO A 1 3  ? 1.540   -10.037 -1.759  1.00 29.34 ? 3    PRO A CD  1 
ATOM   25  N N   . LYS A 1 4  ? -2.088  -7.348  -3.000  1.00 17.34 ? 4    LYS A N   1 
ATOM   26  C CA  . LYS A 1 4  ? -2.435  -5.942  -3.224  1.00 17.58 ? 4    LYS A CA  1 
ATOM   27  C C   . LYS A 1 4  ? -3.179  -5.352  -2.027  1.00 17.53 ? 4    LYS A C   1 
ATOM   28  O O   . LYS A 1 4  ? -4.078  -5.988  -1.468  1.00 15.11 ? 4    LYS A O   1 
ATOM   29  C CB  . LYS A 1 4  ? -3.319  -5.811  -4.467  1.00 14.62 ? 4    LYS A CB  1 
ATOM   30  C CG  . LYS A 1 4  ? -2.584  -5.990  -5.781  1.00 22.28 ? 4    LYS A CG  1 
ATOM   31  C CD  . LYS A 1 4  ? -3.505  -5.693  -6.963  1.00 23.47 ? 4    LYS A CD  1 
ATOM   32  C CE  . LYS A 1 4  ? -2.717  -5.398  -8.217  1.00 28.38 ? 4    LYS A CE  1 
ATOM   33  N NZ  . LYS A 1 4  ? -3.552  -5.533  -9.448  1.00 24.81 ? 4    LYS A NZ  1 
ATOM   34  N N   . PHE A 1 5  ? -2.829  -4.117  -1.678  1.00 14.97 ? 5    PHE A N   1 
ATOM   35  C CA  . PHE A 1 5  ? -3.456  -3.400  -0.581  1.00 13.91 ? 5    PHE A CA  1 
ATOM   36  C C   . PHE A 1 5  ? -3.836  -1.988  -1.016  1.00 18.04 ? 5    PHE A C   1 
ATOM   37  O O   . PHE A 1 5  ? -3.178  -1.399  -1.862  1.00 15.38 ? 5    PHE A O   1 
ATOM   38  C CB  . PHE A 1 5  ? -2.506  -3.335  0.622   1.00 10.92 ? 5    PHE A CB  1 
ATOM   39  C CG  . PHE A 1 5  ? -2.443  -4.609  1.405   1.00 15.22 ? 5    PHE A CG  1 
ATOM   40  C CD1 . PHE A 1 5  ? -3.126  -4.733  2.609   1.00 17.13 ? 5    PHE A CD1 1 
ATOM   41  C CD2 . PHE A 1 5  ? -1.727  -5.697  0.927   1.00 20.49 ? 5    PHE A CD2 1 
ATOM   42  C CE1 . PHE A 1 5  ? -3.084  -5.932  3.329   1.00 28.03 ? 5    PHE A CE1 1 
ATOM   43  C CE2 . PHE A 1 5  ? -1.679  -6.890  1.646   1.00 22.69 ? 5    PHE A CE2 1 
ATOM   44  C CZ  . PHE A 1 5  ? -2.367  -7.008  2.837   1.00 21.15 ? 5    PHE A CZ  1 
ATOM   45  N N   . GLU A 1 6  ? -4.929  -1.474  -0.455  1.00 16.63 ? 6    GLU A N   1 
ATOM   46  C CA  . GLU A 1 6  ? -5.374  -0.107  -0.723  1.00 14.55 ? 6    GLU A CA  1 
ATOM   47  C C   . GLU A 1 6  ? -5.102  0.779   0.489   1.00 16.34 ? 6    GLU A C   1 
ATOM   48  O O   . GLU A 1 6  ? -5.310  0.362   1.638   1.00 15.31 ? 6    GLU A O   1 
ATOM   49  C CB  . GLU A 1 6  ? -6.864  -0.098  -1.043  1.00 15.37 ? 6    GLU A CB  1 
ATOM   50  C CG  . GLU A 1 6  ? -7.408  1.263   -1.429  1.00 17.18 ? 6    GLU A CG  1 
ATOM   51  C CD  . GLU A 1 6  ? -8.848  1.207   -1.910  1.00 21.12 ? 6    GLU A CD  1 
ATOM   52  O OE1 . GLU A 1 6  ? -9.295  0.138   -2.360  1.00 24.43 ? 6    GLU A OE1 1 
ATOM   53  O OE2 . GLU A 1 6  ? -9.524  2.241   -1.846  1.00 26.39 ? 6    GLU A OE2 1 
ATOM   54  N N   . ALA A 1 7  ? -4.634  1.999   0.241   1.00 14.09 ? 7    ALA A N   1 
ATOM   55  C CA  . ALA A 1 7  ? -4.469  2.984   1.314   1.00 14.81 ? 7    ALA A CA  1 
ATOM   56  C C   . ALA A 1 7  ? -5.825  3.496   1.805   1.00 14.40 ? 7    ALA A C   1 
ATOM   57  O O   . ALA A 1 7  ? -6.630  3.993   1.016   1.00 13.67 ? 7    ALA A O   1 
ATOM   58  C CB  . ALA A 1 7  ? -3.591  4.140   0.843   1.00 12.73 ? 7    ALA A CB  1 
ATOM   59  N N   . ALA A 1 8  ? -6.063  3.361   3.115   1.00 11.26 ? 8    ALA A N   1 
ATOM   60  C CA  . ALA A 1 8  ? -7.305  3.777   3.750   1.00 15.91 ? 8    ALA A CA  1 
ATOM   61  C C   . ALA A 1 8  ? -7.174  5.199   4.297   1.00 11.38 ? 8    ALA A C   1 
ATOM   62  O O   . ALA A 1 8  ? -8.166  5.811   4.717   1.00 11.08 ? 8    ALA A O   1 
ATOM   63  C CB  . ALA A 1 8  ? -7.663  2.817   4.869   1.00 20.85 ? 8    ALA A CB  1 
ATOM   64  N N   . TYR A 1 9  ? -5.950  5.711   4.258   1.00 12.70 ? 9    TYR A N   1 
ATOM   65  C CA  . TYR A 1 9  ? -5.606  7.033   4.767   1.00 14.95 ? 9    TYR A CA  1 
ATOM   66  C C   . TYR A 1 9  ? -4.579  7.634   3.821   1.00 13.75 ? 9    TYR A C   1 
ATOM   67  O O   . TYR A 1 9  ? -3.814  6.909   3.195   1.00 14.17 ? 9    TYR A O   1 
ATOM   68  C CB  . TYR A 1 9  ? -4.966  6.933   6.156   1.00 13.79 ? 9    TYR A CB  1 
ATOM   69  C CG  . TYR A 1 9  ? -5.876  6.448   7.247   1.00 12.34 ? 9    TYR A CG  1 
ATOM   70  C CD1 . TYR A 1 9  ? -6.402  7.331   8.173   1.00 14.86 ? 9    TYR A CD1 1 
ATOM   71  C CD2 . TYR A 1 9  ? -6.183  5.095   7.379   1.00 12.46 ? 9    TYR A CD2 1 
ATOM   72  C CE1 . TYR A 1 9  ? -7.227  6.894   9.197   1.00 16.20 ? 9    TYR A CE1 1 
ATOM   73  C CE2 . TYR A 1 9  ? -7.016  4.649   8.392   1.00 15.75 ? 9    TYR A CE2 1 
ATOM   74  C CZ  . TYR A 1 9  ? -7.538  5.561   9.298   1.00 18.88 ? 9    TYR A CZ  1 
ATOM   75  O OH  . TYR A 1 9  ? -8.361  5.141   10.305  1.00 17.23 ? 9    TYR A OH  1 
ATOM   76  N N   . ASP A 1 10 ? -4.545  8.960   3.734   1.00 13.37 ? 10   ASP A N   1 
ATOM   77  C CA  . ASP A 1 10 ? -3.383  9.633   3.183   1.00 17.98 ? 10   ASP A CA  1 
ATOM   78  C C   . ASP A 1 10 ? -2.158  9.310   4.038   1.00 16.60 ? 10   ASP A C   1 
ATOM   79  O O   . ASP A 1 10 ? -2.225  9.300   5.284   1.00 16.97 ? 10   ASP A O   1 
ATOM   80  C CB  . ASP A 1 10 ? -3.579  11.152  3.161   1.00 18.44 ? 10   ASP A CB  1 
ATOM   81  C CG  . ASP A 1 10 ? -4.613  11.600  2.165   1.00 17.65 ? 10   ASP A CG  1 
ATOM   82  O OD1 . ASP A 1 10 ? -4.910  10.872  1.195   1.00 17.03 ? 10   ASP A OD1 1 
ATOM   83  O OD2 . ASP A 1 10 ? -5.164  12.702  2.259   1.00 17.92 ? 10   ASP A OD2 1 
ATOM   84  N N   . PHE A 1 11 ? -1.034  9.078   3.370   1.00 17.05 ? 11   PHE A N   1 
ATOM   85  C CA  . PHE A 1 11 ? 0.257   8.997   4.031   1.00 18.30 ? 11   PHE A CA  1 
ATOM   86  C C   . PHE A 1 11 ? 1.229   9.951   3.340   1.00 16.37 ? 11   PHE A C   1 
ATOM   87  O O   . PHE A 1 11 ? 1.920   9.560   2.407   1.00 16.93 ? 11   PHE A O   1 
ATOM   88  C CB  . PHE A 1 11 ? 0.788   7.557   3.962   1.00 17.51 ? 11   PHE A CB  1 
ATOM   89  C CG  . PHE A 1 11 ? 2.203   7.406   4.457   1.00 21.81 ? 11   PHE A CG  1 
ATOM   90  C CD1 . PHE A 1 11 ? 2.569   7.887   5.705   1.00 20.62 ? 11   PHE A CD1 1 
ATOM   91  C CD2 . PHE A 1 11 ? 3.170   6.796   3.666   1.00 17.50 ? 11   PHE A CD2 1 
ATOM   92  C CE1 . PHE A 1 11 ? 3.881   7.756   6.160   1.00 18.57 ? 11   PHE A CE1 1 
ATOM   93  C CE2 . PHE A 1 11 ? 4.479   6.667   4.117   1.00 21.75 ? 11   PHE A CE2 1 
ATOM   94  C CZ  . PHE A 1 11 ? 4.831   7.142   5.357   1.00 17.66 ? 11   PHE A CZ  1 
ATOM   95  N N   . PRO A 1 12 ? 1.278   11.210  3.777   1.00 18.26 ? 12   PRO A N   1 
ATOM   96  C CA  . PRO A 1 12 ? 2.191   12.185  3.158   1.00 19.66 ? 12   PRO A CA  1 
ATOM   97  C C   . PRO A 1 12 ? 3.660   11.863  3.450   1.00 16.48 ? 12   PRO A C   1 
ATOM   98  O O   . PRO A 1 12 ? 4.536   12.186  2.649   1.00 18.43 ? 12   PRO A O   1 
ATOM   99  C CB  . PRO A 1 12 ? 1.785   13.514  3.809   1.00 20.21 ? 12   PRO A CB  1 
ATOM   100 C CG  . PRO A 1 12 ? 1.142   13.122  5.112   1.00 22.71 ? 12   PRO A CG  1 
ATOM   101 C CD  . PRO A 1 12 ? 0.482   11.801  4.865   1.00 18.62 ? 12   PRO A CD  1 
ATOM   102 N N   . GLY A 1 13 ? 3.909   11.203  4.574   1.00 20.88 ? 13   GLY A N   1 
ATOM   103 C CA  . GLY A 1 13 ? 5.260   10.937  5.026   1.00 22.80 ? 13   GLY A CA  1 
ATOM   104 C C   . GLY A 1 13 ? 5.941   12.160  5.619   1.00 19.54 ? 13   GLY A C   1 
ATOM   105 O O   . GLY A 1 13 ? 5.287   13.157  5.964   1.00 17.81 ? 13   GLY A O   1 
ATOM   106 N N   . SER A 1 14 ? 7.263   12.081  5.712   1.00 17.08 ? 14   SER A N   1 
ATOM   107 C CA  . SER A 1 14 ? 8.091   13.117  6.325   1.00 17.12 ? 14   SER A CA  1 
ATOM   108 C C   . SER A 1 14 ? 9.188   13.582  5.368   1.00 11.44 ? 14   SER A C   1 
ATOM   109 O O   . SER A 1 14 ? 10.113  14.254  5.775   1.00 11.56 ? 14   SER A O   1 
ATOM   110 C CB  . SER A 1 14 ? 8.743   12.566  7.588   1.00 16.76 ? 14   SER A CB  1 
ATOM   111 O OG  . SER A 1 14 ? 9.542   11.417  7.290   1.00 15.69 ? 14   SER A OG  1 
ATOM   112 N N   . GLY A 1 15 ? 9.082   13.175  4.101   1.00 10.60 ? 15   GLY A N   1 
ATOM   113 C CA  . GLY A 1 15 ? 10.087  13.448  3.103   1.00 9.32  ? 15   GLY A CA  1 
ATOM   114 C C   . GLY A 1 15 ? 11.337  12.589  3.219   1.00 12.50 ? 15   GLY A C   1 
ATOM   115 O O   . GLY A 1 15 ? 12.387  12.966  2.715   1.00 16.96 ? 15   GLY A O   1 
ATOM   116 N N   . SER A 1 16 ? 11.232  11.450  3.902   1.00 11.21 ? 16   SER A N   1 
ATOM   117 C CA  . SER A 1 16 ? 12.326  10.473  3.938   1.00 13.48 ? 16   SER A CA  1 
ATOM   118 C C   . SER A 1 16 ? 12.303  9.596   2.683   1.00 12.30 ? 16   SER A C   1 
ATOM   119 O O   . SER A 1 16 ? 11.255  9.085   2.299   1.00 12.50 ? 16   SER A O   1 
ATOM   120 C CB  . SER A 1 16 ? 12.222  9.584   5.186   1.00 20.99 ? 16   SER A CB  1 
ATOM   121 O OG  . SER A 1 16 ? 13.154  8.511   5.128   1.00 21.21 ? 16   SER A OG  1 
ATOM   122 N N   . SER A 1 17 ? 13.480  9.391   2.096   1.00 10.98 ? 17   SER A N   1 
ATOM   123 C CA  . SER A 1 17 ? 13.642  8.545   0.910   1.00 14.94 ? 17   SER A CA  1 
ATOM   124 C C   . SER A 1 17 ? 13.105  7.121   1.147   1.00 13.66 ? 17   SER A C   1 
ATOM   125 O O   . SER A 1 17 ? 12.685  6.442   0.204   1.00 15.01 ? 17   SER A O   1 
ATOM   126 C CB  A SER A 1 17 ? 15.113  8.487   0.489   0.50 13.54 ? 17   SER A CB  1 
ATOM   127 C CB  B SER A 1 17 ? 15.119  8.488   0.506   0.50 12.89 ? 17   SER A CB  1 
ATOM   128 O OG  A SER A 1 17 ? 15.936  8.055   1.558   0.50 19.30 ? 17   SER A OG  1 
ATOM   129 O OG  B SER A 1 17 ? 15.294  7.818   -0.728  0.50 15.63 ? 17   SER A OG  1 
ATOM   130 N N   . SER A 1 18 ? 13.114  6.684   2.405   1.00 15.03 ? 18   SER A N   1 
ATOM   131 C CA  . SER A 1 18 ? 12.720  5.315   2.758   1.00 15.40 ? 18   SER A CA  1 
ATOM   132 C C   . SER A 1 18 ? 11.216  5.116   2.723   1.00 16.17 ? 18   SER A C   1 
ATOM   133 O O   . SER A 1 18 ? 10.744  3.985   2.773   1.00 17.78 ? 18   SER A O   1 
ATOM   134 C CB  . SER A 1 18 ? 13.213  4.976   4.159   1.00 20.47 ? 18   SER A CB  1 
ATOM   135 O OG  . SER A 1 18 ? 14.610  5.029   4.229   1.00 23.67 ? 18   SER A OG  1 
ATOM   136 N N   . GLU A 1 19 ? 10.465  6.216   2.710   1.00 16.27 ? 19   GLU A N   1 
ATOM   137 C CA  . GLU A 1 19 ? 9.003   6.163   2.708   1.00 18.01 ? 19   GLU A CA  1 
ATOM   138 C C   . GLU A 1 19 ? 8.468   6.087   1.299   1.00 13.77 ? 19   GLU A C   1 
ATOM   139 O O   . GLU A 1 19 ? 9.130   6.503   0.352   1.00 15.67 ? 19   GLU A O   1 
ATOM   140 C CB  . GLU A 1 19 ? 8.430   7.413   3.372   1.00 18.87 ? 19   GLU A CB  1 
ATOM   141 C CG  . GLU A 1 19 ? 8.862   7.598   4.813   1.00 18.62 ? 19   GLU A CG  1 
ATOM   142 C CD  . GLU A 1 19 ? 8.616   8.993   5.315   1.00 20.42 ? 19   GLU A CD  1 
ATOM   143 O OE1 . GLU A 1 19 ? 8.484   9.920   4.480   1.00 19.28 ? 19   GLU A OE1 1 
ATOM   144 O OE2 . GLU A 1 19 ? 8.597   9.172   6.540   1.00 21.13 ? 19   GLU A OE2 1 
ATOM   145 N N   . LEU A 1 20 ? 7.253   5.563   1.169   1.00 15.33 ? 20   LEU A N   1 
ATOM   146 C CA  . LEU A 1 20 ? 6.497   5.681   -0.064  1.00 15.15 ? 20   LEU A CA  1 
ATOM   147 C C   . LEU A 1 20 ? 5.228   6.443   0.236   1.00 17.34 ? 20   LEU A C   1 
ATOM   148 O O   . LEU A 1 20 ? 4.249   5.867   0.699   1.00 19.30 ? 20   LEU A O   1 
ATOM   149 C CB  . LEU A 1 20 ? 6.145   4.289   -0.632  1.00 17.36 ? 20   LEU A CB  1 
ATOM   150 C CG  . LEU A 1 20 ? 5.476   4.293   -2.011  1.00 16.44 ? 20   LEU A CG  1 
ATOM   151 C CD1 . LEU A 1 20 ? 6.396   4.879   -3.065  1.00 20.88 ? 20   LEU A CD1 1 
ATOM   152 C CD2 . LEU A 1 20 ? 5.040   2.880   -2.408  1.00 22.88 ? 20   LEU A CD2 1 
ATOM   153 N N   . PRO A 1 21 ? 5.232   7.746   -0.012  1.00 13.75 ? 21   PRO A N   1 
ATOM   154 C CA  . PRO A 1 21 ? 4.026   8.545   0.211   1.00 14.31 ? 21   PRO A CA  1 
ATOM   155 C C   . PRO A 1 21 ? 2.856   8.024   -0.616  1.00 14.08 ? 21   PRO A C   1 
ATOM   156 O O   . PRO A 1 21 ? 3.060   7.640   -1.759  1.00 15.82 ? 21   PRO A O   1 
ATOM   157 C CB  . PRO A 1 21 ? 4.436   9.943   -0.242  1.00 18.88 ? 21   PRO A CB  1 
ATOM   158 C CG  . PRO A 1 21 ? 5.921   9.948   -0.192  1.00 19.63 ? 21   PRO A CG  1 
ATOM   159 C CD  . PRO A 1 21 ? 6.354   8.556   -0.503  1.00 16.23 ? 21   PRO A CD  1 
ATOM   160 N N   . LEU A 1 22 ? 1.672   7.954   -0.013  1.00 19.32 ? 22   LEU A N   1 
ATOM   161 C CA  . LEU A 1 22 ? 0.469   7.471   -0.693  1.00 18.40 ? 22   LEU A CA  1 
ATOM   162 C C   . LEU A 1 22 ? -0.704  8.406   -0.444  1.00 14.21 ? 22   LEU A C   1 
ATOM   163 O O   . LEU A 1 22 ? -0.759  9.106   0.572   1.00 17.58 ? 22   LEU A O   1 
ATOM   164 C CB  . LEU A 1 22 ? 0.099   6.058   -0.187  1.00 18.21 ? 22   LEU A CB  1 
ATOM   165 C CG  . LEU A 1 22 ? 1.024   4.890   -0.519  1.00 20.61 ? 22   LEU A CG  1 
ATOM   166 C CD1 . LEU A 1 22 ? 0.398   3.570   -0.030  1.00 20.41 ? 22   LEU A CD1 1 
ATOM   167 C CD2 . LEU A 1 22 ? 1.323   4.828   -2.003  1.00 20.58 ? 22   LEU A CD2 1 
ATOM   168 N N   . LYS A 1 23 ? -1.621  8.464   -1.402  1.00 14.00 ? 23   LYS A N   1 
ATOM   169 C CA  . LYS A 1 23 ? -2.932  9.066   -1.170  1.00 16.75 ? 23   LYS A CA  1 
ATOM   170 C C   . LYS A 1 23 ? -3.932  7.968   -0.854  1.00 15.79 ? 23   LYS A C   1 
ATOM   171 O O   . LYS A 1 23 ? -3.783  6.840   -1.306  1.00 17.62 ? 23   LYS A O   1 
ATOM   172 C CB  . LYS A 1 23 ? -3.405  9.837   -2.403  1.00 17.33 ? 23   LYS A CB  1 
ATOM   173 C CG  . LYS A 1 23 ? -2.570  11.064  -2.747  1.00 23.01 ? 23   LYS A CG  1 
ATOM   174 C CD  . LYS A 1 23 ? -2.627  12.104  -1.638  1.00 27.62 ? 23   LYS A CD  1 
ATOM   175 C CE  . LYS A 1 23 ? -2.442  13.529  -2.168  1.00 37.66 ? 23   LYS A CE  1 
ATOM   176 N NZ  . LYS A 1 23 ? -3.275  14.521  -1.409  1.00 41.65 ? 23   LYS A NZ  1 
ATOM   177 N N   . LYS A 1 24 ? -4.952  8.306   -0.076  1.00 13.32 ? 24   LYS A N   1 
ATOM   178 C CA  . LYS A 1 24 ? -6.064  7.415   0.144   1.00 11.41 ? 24   LYS A CA  1 
ATOM   179 C C   . LYS A 1 24 ? -6.608  6.924   -1.188  1.00 11.95 ? 24   LYS A C   1 
ATOM   180 O O   . LYS A 1 24 ? -6.914  7.724   -2.085  1.00 11.02 ? 24   LYS A O   1 
ATOM   181 C CB  . LYS A 1 24 ? -7.178  8.123   0.925   1.00 10.80 ? 24   LYS A CB  1 
ATOM   182 C CG  . LYS A 1 24 ? -8.204  7.185   1.472   1.00 15.69 ? 24   LYS A CG  1 
ATOM   183 C CD  . LYS A 1 24 ? -9.428  7.900   1.962   1.00 15.53 ? 24   LYS A CD  1 
ATOM   184 C CE  . LYS A 1 24 ? -10.486 6.912   2.406   1.00 14.41 ? 24   LYS A CE  1 
ATOM   185 N NZ  . LYS A 1 24 ? -11.163 6.263   1.261   1.00 17.71 ? 24   LYS A NZ  1 
ATOM   186 N N   . GLY A 1 25 ? -6.738  5.613   -1.314  1.00 11.78 ? 25   GLY A N   1 
ATOM   187 C CA  . GLY A 1 25 ? -7.267  5.000   -2.521  1.00 14.21 ? 25   GLY A CA  1 
ATOM   188 C C   . GLY A 1 25 ? -6.170  4.423   -3.404  1.00 16.23 ? 25   GLY A C   1 
ATOM   189 O O   . GLY A 1 25 ? -6.452  3.676   -4.345  1.00 11.58 ? 25   GLY A O   1 
ATOM   190 N N   . ASP A 1 26 ? -4.922  4.801   -3.135  1.00 13.94 ? 26   ASP A N   1 
ATOM   191 C CA  . ASP A 1 26 ? -3.773  4.245   -3.866  1.00 15.16 ? 26   ASP A CA  1 
ATOM   192 C C   . ASP A 1 26 ? -3.695  2.748   -3.595  1.00 15.30 ? 26   ASP A C   1 
ATOM   193 O O   . ASP A 1 26 ? -3.933  2.307   -2.473  1.00 15.52 ? 26   ASP A O   1 
ATOM   194 C CB  . ASP A 1 26 ? -2.461  4.903   -3.431  1.00 13.01 ? 26   ASP A CB  1 
ATOM   195 C CG  . ASP A 1 26 ? -2.242  6.276   -4.061  1.00 21.99 ? 26   ASP A CG  1 
ATOM   196 O OD1 . ASP A 1 26 ? -3.027  6.692   -4.931  1.00 14.66 ? 26   ASP A OD1 1 
ATOM   197 O OD2 . ASP A 1 26 ? -1.303  7.012   -3.728  1.00 16.66 ? 26   ASP A OD2 1 
ATOM   198 N N   . ILE A 1 27 ? -3.399  1.980   -4.637  1.00 14.61 ? 27   ILE A N   1 
ATOM   199 C CA  . ILE A 1 27 ? -3.232  0.536   -4.527  1.00 13.72 ? 27   ILE A CA  1 
ATOM   200 C C   . ILE A 1 27 ? -1.777  0.178   -4.786  1.00 16.12 ? 27   ILE A C   1 
ATOM   201 O O   . ILE A 1 27 ? -1.173  0.666   -5.747  1.00 12.89 ? 27   ILE A O   1 
ATOM   202 C CB  . ILE A 1 27 ? -4.148  -0.178  -5.527  1.00 11.43 ? 27   ILE A CB  1 
ATOM   203 C CG1 . ILE A 1 27 ? -5.614  0.251   -5.305  1.00 15.08 ? 27   ILE A CG1 1 
ATOM   204 C CG2 . ILE A 1 27 ? -4.016  -1.687  -5.393  1.00 14.86 ? 27   ILE A CG2 1 
ATOM   205 C CD1 . ILE A 1 27 ? -6.416  0.266   -6.545  1.00 18.91 ? 27   ILE A CD1 1 
ATOM   206 N N   . VAL A 1 28 ? -1.220  -0.653  -3.905  1.00 16.72 ? 28   VAL A N   1 
ATOM   207 C CA  . VAL A 1 28 ? 0.186   -1.053  -3.961  1.00 14.98 ? 28   VAL A CA  1 
ATOM   208 C C   . VAL A 1 28 ? 0.312   -2.542  -3.688  1.00 14.47 ? 28   VAL A C   1 
ATOM   209 O O   . VAL A 1 28 ? -0.600  -3.141  -3.139  1.00 13.76 ? 28   VAL A O   1 
ATOM   210 C CB  . VAL A 1 28 ? 1.017   -0.286  -2.898  1.00 13.22 ? 28   VAL A CB  1 
ATOM   211 C CG1 . VAL A 1 28 ? 0.983   1.192   -3.180  1.00 17.15 ? 28   VAL A CG1 1 
ATOM   212 C CG2 . VAL A 1 28 ? 0.501   -0.576  -1.485  1.00 17.52 ? 28   VAL A CG2 1 
ATOM   213 N N   . PHE A 1 29 ? 1.445   -3.136  -4.067  1.00 15.51 ? 29   PHE A N   1 
ATOM   214 C CA  . PHE A 1 29 ? 1.852   -4.442  -3.529  1.00 12.38 ? 29   PHE A CA  1 
ATOM   215 C C   . PHE A 1 29 ? 2.530   -4.260  -2.182  1.00 15.44 ? 29   PHE A C   1 
ATOM   216 O O   . PHE A 1 29 ? 3.208   -3.270  -1.956  1.00 13.56 ? 29   PHE A O   1 
ATOM   217 C CB  . PHE A 1 29 ? 2.832   -5.136  -4.454  1.00 12.27 ? 29   PHE A CB  1 
ATOM   218 C CG  . PHE A 1 29 ? 2.269   -5.474  -5.796  1.00 15.65 ? 29   PHE A CG  1 
ATOM   219 C CD1 . PHE A 1 29 ? 1.238   -6.397  -5.920  1.00 20.81 ? 29   PHE A CD1 1 
ATOM   220 C CD2 . PHE A 1 29 ? 2.783   -4.887  -6.946  1.00 17.84 ? 29   PHE A CD2 1 
ATOM   221 C CE1 . PHE A 1 29 ? 0.724   -6.725  -7.166  1.00 23.26 ? 29   PHE A CE1 1 
ATOM   222 C CE2 . PHE A 1 29 ? 2.262   -5.212  -8.197  1.00 14.05 ? 29   PHE A CE2 1 
ATOM   223 C CZ  . PHE A 1 29 ? 1.236   -6.135  -8.301  1.00 22.04 ? 29   PHE A CZ  1 
ATOM   224 N N   . ILE A 1 30 ? 2.369   -5.235  -1.299  1.00 14.38 ? 30   ILE A N   1 
ATOM   225 C CA  . ILE A 1 30 ? 3.132   -5.271  -0.049  1.00 15.23 ? 30   ILE A CA  1 
ATOM   226 C C   . ILE A 1 30 ? 3.945   -6.545  -0.027  1.00 13.10 ? 30   ILE A C   1 
ATOM   227 O O   . ILE A 1 30 ? 3.394   -7.630  -0.196  1.00 13.79 ? 30   ILE A O   1 
ATOM   228 C CB  . ILE A 1 30 ? 2.171   -5.209  1.201   1.00 18.16 ? 30   ILE A CB  1 
ATOM   229 C CG1 . ILE A 1 30 ? 1.340   -3.927  1.190   1.00 18.64 ? 30   ILE A CG1 1 
ATOM   230 C CG2 . ILE A 1 30 ? 2.965   -5.310  2.511   1.00 17.63 ? 30   ILE A CG2 1 
ATOM   231 C CD1 . ILE A 1 30 ? 2.124   -2.703  1.335   1.00 21.20 ? 30   ILE A CD1 1 
ATOM   232 N N   . SER A 1 31 ? 5.267   -6.410  0.147   1.00 13.81 ? 31   SER A N   1 
ATOM   233 C CA  . SER A 1 31 ? 6.166   -7.568  0.227   1.00 15.55 ? 31   SER A CA  1 
ATOM   234 C C   . SER A 1 31 ? 6.520   -7.949  1.650   1.00 15.79 ? 31   SER A C   1 
ATOM   235 O O   . SER A 1 31 ? 6.845   -9.109  1.909   1.00 18.38 ? 31   SER A O   1 
ATOM   236 C CB  . SER A 1 31 ? 7.467   -7.315  -0.543  1.00 17.47 ? 31   SER A CB  1 
ATOM   237 O OG  . SER A 1 31 ? 8.190   -6.231  0.003   1.00 17.62 ? 31   SER A OG  1 
ATOM   238 N N   . ARG A 1 32 ? 6.521   -6.963  2.550   1.00 16.59 ? 32   ARG A N   1 
ATOM   239 C CA  . ARG A 1 32 ? 6.927   -7.159  3.948   1.00 22.83 ? 32   ARG A CA  1 
ATOM   240 C C   . ARG A 1 32 ? 5.986   -6.419  4.910   1.00 18.39 ? 32   ARG A C   1 
ATOM   241 O O   . ARG A 1 32 ? 5.414   -5.388  4.571   1.00 18.15 ? 32   ARG A O   1 
ATOM   242 C CB  A ARG A 1 32 ? 8.364   -6.662  4.174   0.50 21.82 ? 32   ARG A CB  1 
ATOM   243 C CB  B ARG A 1 32 ? 8.360   -6.652  4.169   0.50 21.80 ? 32   ARG A CB  1 
ATOM   244 C CG  A ARG A 1 32 ? 9.392   -7.237  3.225   0.50 28.21 ? 32   ARG A CG  1 
ATOM   245 C CG  B ARG A 1 32 ? 9.447   -7.636  3.825   0.50 28.41 ? 32   ARG A CG  1 
ATOM   246 C CD  A ARG A 1 32 ? 10.808  -6.733  3.469   0.50 29.57 ? 32   ARG A CD  1 
ATOM   247 C CD  B ARG A 1 32 ? 10.801  -6.981  3.584   0.50 28.40 ? 32   ARG A CD  1 
ATOM   248 N NE  A ARG A 1 32 ? 11.246  -6.954  4.845   0.50 27.89 ? 32   ARG A NE  1 
ATOM   249 N NE  B ARG A 1 32 ? 11.861  -7.962  3.375   0.50 29.08 ? 32   ARG A NE  1 
ATOM   250 C CZ  A ARG A 1 32 ? 12.386  -6.488  5.357   0.50 30.75 ? 32   ARG A CZ  1 
ATOM   251 C CZ  B ARG A 1 32 ? 12.443  -8.664  4.344   0.50 28.86 ? 32   ARG A CZ  1 
ATOM   252 N NH1 A ARG A 1 32 ? 13.224  -5.777  4.602   0.50 33.47 ? 32   ARG A NH1 1 
ATOM   253 N NH1 B ARG A 1 32 ? 12.071  -8.500  5.612   0.50 30.21 ? 32   ARG A NH1 1 
ATOM   254 N NH2 A ARG A 1 32 ? 12.692  -6.735  6.625   0.50 26.82 ? 32   ARG A NH2 1 
ATOM   255 N NH2 B ARG A 1 32 ? 13.400  -9.537  4.044   0.50 27.15 ? 32   ARG A NH2 1 
ATOM   256 N N   . ASP A 1 33 ? 5.919   -6.931  6.138   1.00 16.26 ? 33   ASP A N   1 
ATOM   257 C CA  . ASP A 1 33 ? 5.103   -6.384  7.219   1.00 22.22 ? 33   ASP A CA  1 
ATOM   258 C C   . ASP A 1 33 ? 5.933   -6.536  8.491   1.00 23.87 ? 33   ASP A C   1 
ATOM   259 O O   . ASP A 1 33 ? 6.115   -7.648  8.964   1.00 26.18 ? 33   ASP A O   1 
ATOM   260 C CB  A ASP A 1 33 ? 3.799   -7.179  7.387   0.50 20.93 ? 33   ASP A CB  1 
ATOM   261 C CB  B ASP A 1 33 ? 3.798   -7.196  7.323   0.50 25.17 ? 33   ASP A CB  1 
ATOM   262 C CG  A ASP A 1 33 ? 2.808   -6.916  6.288   0.50 21.94 ? 33   ASP A CG  1 
ATOM   263 C CG  B ASP A 1 33 ? 2.762   -6.544  8.210   0.50 28.33 ? 33   ASP A CG  1 
ATOM   264 O OD1 A ASP A 1 33 ? 2.468   -5.740  6.058   0.50 11.10 ? 33   ASP A OD1 1 
ATOM   265 O OD1 B ASP A 1 33 ? 2.904   -6.607  9.451   0.50 35.03 ? 33   ASP A OD1 1 
ATOM   266 O OD2 A ASP A 1 33 ? 2.300   -7.833  5.612   0.50 19.30 ? 33   ASP A OD2 1 
ATOM   267 O OD2 B ASP A 1 33 ? 1.745   -5.988  7.754   0.50 37.48 ? 33   ASP A OD2 1 
ATOM   268 N N   . GLU A 1 34 ? 6.476   -5.443  9.020   1.00 16.50 ? 34   GLU A N   1 
ATOM   269 C CA  . GLU A 1 34 ? 7.407   -5.542  10.169  1.00 18.14 ? 34   GLU A CA  1 
ATOM   270 C C   . GLU A 1 34 ? 6.718   -5.153  11.494  1.00 16.67 ? 34   GLU A C   1 
ATOM   271 O O   . GLU A 1 34 ? 5.784   -4.377  11.486  1.00 15.61 ? 34   GLU A O   1 
ATOM   272 C CB  A GLU A 1 34 ? 8.640   -4.657  9.943   0.50 23.63 ? 34   GLU A CB  1 
ATOM   273 C CB  B GLU A 1 34 ? 8.647   -4.676  9.934   0.50 20.42 ? 34   GLU A CB  1 
ATOM   274 C CG  A GLU A 1 34 ? 9.248   -4.773  8.551   0.50 28.28 ? 34   GLU A CG  1 
ATOM   275 C CG  B GLU A 1 34 ? 9.657   -5.285  8.963   0.50 15.99 ? 34   GLU A CG  1 
ATOM   276 C CD  A GLU A 1 34 ? 10.713  -5.179  8.569   0.50 30.81 ? 34   GLU A CD  1 
ATOM   277 C CD  B GLU A 1 34 ? 10.356  -6.516  9.519   0.50 22.58 ? 34   GLU A CD  1 
ATOM   278 O OE1 A GLU A 1 34 ? 11.579  -4.289  8.738   0.50 32.72 ? 34   GLU A OE1 1 
ATOM   279 O OE1 B GLU A 1 34 ? 11.344  -6.354  10.267  0.50 30.62 ? 34   GLU A OE1 1 
ATOM   280 O OE2 A GLU A 1 34 ? 10.998  -6.384  8.392   0.50 28.33 ? 34   GLU A OE2 1 
ATOM   281 O OE2 B GLU A 1 34 ? 9.929   -7.648  9.194   0.50 22.03 ? 34   GLU A OE2 1 
ATOM   282 N N   . PRO A 1 35 ? 7.181   -5.711  12.621  1.00 12.58 ? 35   PRO A N   1 
ATOM   283 C CA  . PRO A 1 35 ? 6.518   -5.505  13.929  1.00 13.97 ? 35   PRO A CA  1 
ATOM   284 C C   . PRO A 1 35 ? 6.485   -4.049  14.401  1.00 13.42 ? 35   PRO A C   1 
ATOM   285 O O   . PRO A 1 35 ? 5.650   -3.703  15.239  1.00 18.26 ? 35   PRO A O   1 
ATOM   286 C CB  . PRO A 1 35 ? 7.343   -6.369  14.896  1.00 17.13 ? 35   PRO A CB  1 
ATOM   287 C CG  . PRO A 1 35 ? 8.572   -6.777  14.150  1.00 18.22 ? 35   PRO A CG  1 
ATOM   288 C CD  . PRO A 1 35 ? 8.327   -6.633  12.716  1.00 14.58 ? 35   PRO A CD  1 
ATOM   289 N N   . SER A 1 36 ? 7.407   -3.238  13.888  1.00 14.87 ? 36   SER A N   1 
ATOM   290 C CA  . SER A 1 36 ? 7.424   -1.772  14.088  1.00 13.86 ? 36   SER A CA  1 
ATOM   291 C C   . SER A 1 36 ? 6.153   -1.075  13.583  1.00 16.41 ? 36   SER A C   1 
ATOM   292 O O   . SER A 1 36 ? 5.940   0.104   13.860  1.00 17.03 ? 36   SER A O   1 
ATOM   293 C CB  . SER A 1 36 ? 8.617   -1.174  13.327  1.00 15.59 ? 36   SER A CB  1 
ATOM   294 O OG  . SER A 1 36 ? 8.513   -1.471  11.920  1.00 17.88 ? 36   SER A OG  1 
ATOM   295 N N   . GLY A 1 37 ? 5.368   -1.779  12.772  1.00 14.36 ? 37   GLY A N   1 
ATOM   296 C CA  . GLY A 1 37 ? 4.133   -1.251  12.237  1.00 11.81 ? 37   GLY A CA  1 
ATOM   297 C C   . GLY A 1 37 ? 4.286   -0.701  10.836  1.00 15.12 ? 37   GLY A C   1 
ATOM   298 O O   . GLY A 1 37 ? 3.389   -0.012  10.336  1.00 15.55 ? 37   GLY A O   1 
ATOM   299 N N   . TRP A 1 38 ? 5.415   -1.014  10.191  1.00 15.01 ? 38   TRP A N   1 
ATOM   300 C CA  . TRP A 1 38 ? 5.683   -0.574  8.834   1.00 17.51 ? 38   TRP A CA  1 
ATOM   301 C C   . TRP A 1 38 ? 5.573   -1.727  7.836   1.00 13.00 ? 38   TRP A C   1 
ATOM   302 O O   . TRP A 1 38 ? 5.951   -2.869  8.130   1.00 14.69 ? 38   TRP A O   1 
ATOM   303 C CB  . TRP A 1 38 ? 7.091   0.057   8.745   1.00 17.98 ? 38   TRP A CB  1 
ATOM   304 C CG  . TRP A 1 38 ? 7.218   1.380   9.469   1.00 12.23 ? 38   TRP A CG  1 
ATOM   305 C CD1 . TRP A 1 38 ? 7.729   1.587   10.717  1.00 18.25 ? 38   TRP A CD1 1 
ATOM   306 C CD2 . TRP A 1 38 ? 6.839   2.665   8.976   1.00 17.94 ? 38   TRP A CD2 1 
ATOM   307 N NE1 . TRP A 1 38 ? 7.685   2.923   11.029  1.00 17.70 ? 38   TRP A NE1 1 
ATOM   308 C CE2 . TRP A 1 38 ? 7.146   3.608   9.973   1.00 17.12 ? 38   TRP A CE2 1 
ATOM   309 C CE3 . TRP A 1 38 ? 6.259   3.119   7.787   1.00 18.57 ? 38   TRP A CE3 1 
ATOM   310 C CZ2 . TRP A 1 38 ? 6.895   4.975   9.816   1.00 19.03 ? 38   TRP A CZ2 1 
ATOM   311 C CZ3 . TRP A 1 38 ? 6.019   4.463   7.631   1.00 18.10 ? 38   TRP A CZ3 1 
ATOM   312 C CH2 . TRP A 1 38 ? 6.340   5.378   8.638   1.00 18.09 ? 38   TRP A CH2 1 
ATOM   313 N N   . SER A 1 39 ? 5.049   -1.416  6.652   1.00 13.43 ? 39   SER A N   1 
ATOM   314 C CA  . SER A 1 39 ? 4.950   -2.362  5.548   1.00 16.28 ? 39   SER A CA  1 
ATOM   315 C C   . SER A 1 39 ? 5.743   -1.839  4.337   1.00 17.42 ? 39   SER A C   1 
ATOM   316 O O   . SER A 1 39 ? 5.790   -0.641  4.086   1.00 17.76 ? 39   SER A O   1 
ATOM   317 C CB  . SER A 1 39 ? 3.495   -2.549  5.148   1.00 15.01 ? 39   SER A CB  1 
ATOM   318 O OG  . SER A 1 39 ? 2.760   -3.227  6.152   1.00 13.72 ? 39   SER A OG  1 
ATOM   319 N N   . LEU A 1 40 ? 6.400   -2.740  3.626   1.00 14.49 ? 40   LEU A N   1 
ATOM   320 C CA  . LEU A 1 40 ? 7.172   -2.369  2.454   1.00 15.07 ? 40   LEU A CA  1 
ATOM   321 C C   . LEU A 1 40 ? 6.294   -2.436  1.204   1.00 16.51 ? 40   LEU A C   1 
ATOM   322 O O   . LEU A 1 40 ? 5.948   -3.512  0.735   1.00 15.74 ? 40   LEU A O   1 
ATOM   323 C CB  . LEU A 1 40 ? 8.399   -3.282  2.303   1.00 15.75 ? 40   LEU A CB  1 
ATOM   324 C CG  . LEU A 1 40 ? 9.370   -2.915  1.177   1.00 17.61 ? 40   LEU A CG  1 
ATOM   325 C CD1 . LEU A 1 40 ? 9.817   -1.454  1.295   1.00 19.51 ? 40   LEU A CD1 1 
ATOM   326 C CD2 . LEU A 1 40 ? 10.563  -3.858  1.190   1.00 21.68 ? 40   LEU A CD2 1 
ATOM   327 N N   . ALA A 1 41 ? 5.941   -1.268  0.677   1.00 14.44 ? 41   ALA A N   1 
ATOM   328 C CA  . ALA A 1 41 ? 5.005   -1.160  -0.441  1.00 13.27 ? 41   ALA A CA  1 
ATOM   329 C C   . ALA A 1 41 ? 5.733   -0.902  -1.754  1.00 15.45 ? 41   ALA A C   1 
ATOM   330 O O   . ALA A 1 41 ? 6.771   -0.251  -1.784  1.00 17.68 ? 41   ALA A O   1 
ATOM   331 C CB  . ALA A 1 41 ? 4.025   -0.058  -0.185  1.00 15.58 ? 41   ALA A CB  1 
ATOM   332 N N   . LYS A 1 42 ? 5.164   -1.405  -2.844  1.00 16.60 ? 42   LYS A N   1 
ATOM   333 C CA  . LYS A 1 42 ? 5.678   -1.128  -4.179  1.00 15.47 ? 42   LYS A CA  1 
ATOM   334 C C   . LYS A 1 42 ? 4.518   -0.737  -5.078  1.00 18.73 ? 42   LYS A C   1 
ATOM   335 O O   . LYS A 1 42 ? 3.459   -1.358  -5.027  1.00 15.18 ? 42   LYS A O   1 
ATOM   336 C CB  . LYS A 1 42 ? 6.389   -2.352  -4.726  1.00 20.97 ? 42   LYS A CB  1 
ATOM   337 C CG  . LYS A 1 42 ? 7.385   -2.069  -5.843  1.00 25.14 ? 42   LYS A CG  1 
ATOM   338 C CD  . LYS A 1 42 ? 8.234   -3.317  -6.139  1.00 29.74 ? 42   LYS A CD  1 
ATOM   339 C CE  . LYS A 1 42 ? 9.376   -3.013  -7.085  1.00 37.76 ? 42   LYS A CE  1 
ATOM   340 N NZ  . LYS A 1 42 ? 10.085  -4.257  -7.522  1.00 38.83 ? 42   LYS A NZ  1 
ATOM   341 N N   . LEU A 1 43 ? 4.701   0.326   -5.852  1.00 17.38 ? 43   LEU A N   1 
ATOM   342 C CA  . LEU A 1 43 ? 3.693   0.750   -6.815  1.00 16.71 ? 43   LEU A CA  1 
ATOM   343 C C   . LEU A 1 43 ? 3.469   -0.371  -7.798  1.00 15.32 ? 43   LEU A C   1 
ATOM   344 O O   . LEU A 1 43 ? 4.379   -1.155  -8.070  1.00 13.74 ? 43   LEU A O   1 
ATOM   345 C CB  . LEU A 1 43 ? 4.141   2.016   -7.565  1.00 16.64 ? 43   LEU A CB  1 
ATOM   346 C CG  . LEU A 1 43 ? 4.431   3.247   -6.699  1.00 19.12 ? 43   LEU A CG  1 
ATOM   347 C CD1 . LEU A 1 43 ? 4.805   4.431   -7.566  1.00 20.59 ? 43   LEU A CD1 1 
ATOM   348 C CD2 . LEU A 1 43 ? 3.251   3.583   -5.812  1.00 22.32 ? 43   LEU A CD2 1 
ATOM   349 N N   . LEU A 1 44 ? 2.265   -0.443  -8.347  1.00 12.74 ? 44   LEU A N   1 
ATOM   350 C CA  . LEU A 1 44 ? 1.873   -1.572  -9.196  1.00 16.53 ? 44   LEU A CA  1 
ATOM   351 C C   . LEU A 1 44 ? 2.737   -1.694  -10.473 1.00 20.08 ? 44   LEU A C   1 
ATOM   352 O O   . LEU A 1 44 ? 2.879   -2.790  -11.034 1.00 17.64 ? 44   LEU A O   1 
ATOM   353 C CB  . LEU A 1 44 ? 0.394   -1.463  -9.583  1.00 12.91 ? 44   LEU A CB  1 
ATOM   354 C CG  . LEU A 1 44 ? -0.644  -1.456  -8.459  1.00 10.80 ? 44   LEU A CG  1 
ATOM   355 C CD1 . LEU A 1 44 ? -2.047  -1.558  -9.047  1.00 10.57 ? 44   LEU A CD1 1 
ATOM   356 C CD2 . LEU A 1 44 ? -0.399  -2.575  -7.446  1.00 16.57 ? 44   LEU A CD2 1 
ATOM   357 N N   . ASP A 1 45 ? 3.294   -0.571  -10.934 1.00 18.11 ? 45   ASP A N   1 
ATOM   358 C CA  . ASP A 1 45 ? 4.130   -0.571  -12.145 1.00 15.34 ? 45   ASP A CA  1 
ATOM   359 C C   . ASP A 1 45 ? 5.618   -0.778  -11.821 1.00 19.13 ? 45   ASP A C   1 
ATOM   360 O O   . ASP A 1 45 ? 6.469   -0.675  -12.695 1.00 15.13 ? 45   ASP A O   1 
ATOM   361 C CB  . ASP A 1 45 ? 3.928   0.725   -12.951 1.00 18.97 ? 45   ASP A CB  1 
ATOM   362 C CG  . ASP A 1 45 ? 4.322   1.963   -12.185 1.00 20.48 ? 45   ASP A CG  1 
ATOM   363 O OD1 . ASP A 1 45 ? 4.894   1.827   -11.086 1.00 21.18 ? 45   ASP A OD1 1 
ATOM   364 O OD2 . ASP A 1 45 ? 4.064   3.121   -12.589 1.00 13.60 ? 45   ASP A OD2 1 
ATOM   365 N N   . GLY A 1 46 ? 5.911   -1.064  -10.553 1.00 16.68 ? 46   GLY A N   1 
ATOM   366 C CA  . GLY A 1 46 ? 7.250   -1.414  -10.130 1.00 19.03 ? 46   GLY A CA  1 
ATOM   367 C C   . GLY A 1 46 ? 8.183   -0.226  -9.975  1.00 21.06 ? 46   GLY A C   1 
ATOM   368 O O   . GLY A 1 46 ? 9.362   -0.406  -9.670  1.00 21.27 ? 46   GLY A O   1 
ATOM   369 N N   . SER A 1 47 ? 7.654   0.987   -10.155 1.00 18.53 ? 47   SER A N   1 
ATOM   370 C CA  . SER A 1 47 ? 8.498   2.158   -10.405 1.00 17.41 ? 47   SER A CA  1 
ATOM   371 C C   . SER A 1 47 ? 9.075   2.760   -9.127  1.00 19.05 ? 47   SER A C   1 
ATOM   372 O O   . SER A 1 47 ? 10.154  3.357   -9.152  1.00 19.24 ? 47   SER A O   1 
ATOM   373 C CB  . SER A 1 47 ? 7.722   3.228   -11.180 1.00 17.16 ? 47   SER A CB  1 
ATOM   374 O OG  . SER A 1 47 ? 6.644   3.728   -10.424 1.00 20.52 ? 47   SER A OG  1 
ATOM   375 N N   . LYS A 1 48 ? 8.366   2.605   -8.015  1.00 16.15 ? 48   LYS A N   1 
ATOM   376 C CA  . LYS A 1 48 ? 8.870   3.075   -6.721  1.00 19.89 ? 48   LYS A CA  1 
ATOM   377 C C   . LYS A 1 48 ? 8.529   2.088   -5.613  1.00 21.30 ? 48   LYS A C   1 
ATOM   378 O O   . LYS A 1 48 ? 7.530   1.391   -5.681  1.00 17.79 ? 48   LYS A O   1 
ATOM   379 C CB  A LYS A 1 48 ? 8.274   4.443   -6.370  0.50 21.36 ? 48   LYS A CB  1 
ATOM   380 C CB  B LYS A 1 48 ? 8.303   4.459   -6.386  0.50 22.44 ? 48   LYS A CB  1 
ATOM   381 C CG  A LYS A 1 48 ? 8.371   5.484   -7.472  0.50 25.36 ? 48   LYS A CG  1 
ATOM   382 C CG  B LYS A 1 48 ? 8.803   5.582   -7.306  0.50 28.25 ? 48   LYS A CG  1 
ATOM   383 C CD  A LYS A 1 48 ? 7.894   6.846   -6.978  0.50 28.68 ? 48   LYS A CD  1 
ATOM   384 C CD  B LYS A 1 48 ? 9.222   6.829   -6.518  0.50 32.64 ? 48   LYS A CD  1 
ATOM   385 C CE  A LYS A 1 48 ? 7.824   7.861   -8.108  0.50 31.49 ? 48   LYS A CE  1 
ATOM   386 C CE  B LYS A 1 48 ? 10.623  6.686   -5.914  0.50 33.98 ? 48   LYS A CE  1 
ATOM   387 N NZ  A LYS A 1 48 ? 6.901   8.979   -7.783  0.50 32.17 ? 48   LYS A NZ  1 
ATOM   388 N NZ  B LYS A 1 48 ? 11.551  7.756   -6.384  0.50 30.63 ? 48   LYS A NZ  1 
ATOM   389 N N   . GLU A 1 49 ? 9.366   2.068   -4.582  1.00 19.10 ? 49   GLU A N   1 
ATOM   390 C CA  . GLU A 1 49 ? 9.179   1.203   -3.424  1.00 19.13 ? 49   GLU A CA  1 
ATOM   391 C C   . GLU A 1 49 ? 9.515   1.984   -2.148  1.00 16.83 ? 49   GLU A C   1 
ATOM   392 O O   . GLU A 1 49 ? 10.415  2.839   -2.137  1.00 18.69 ? 49   GLU A O   1 
ATOM   393 C CB  . GLU A 1 49 ? 10.080  -0.029  -3.539  1.00 22.80 ? 49   GLU A CB  1 
ATOM   394 C CG  . GLU A 1 49 ? 9.937   -1.026  -2.402  1.00 28.01 ? 49   GLU A CG  1 
ATOM   395 C CD  . GLU A 1 49 ? 10.860  -2.218  -2.551  1.00 32.78 ? 49   GLU A CD  1 
ATOM   396 O OE1 . GLU A 1 49 ? 12.088  -2.015  -2.643  1.00 31.25 ? 49   GLU A OE1 1 
ATOM   397 O OE2 . GLU A 1 49 ? 10.357  -3.359  -2.562  1.00 36.04 ? 49   GLU A OE2 1 
ATOM   398 N N   . GLY A 1 50 ? 8.795   1.702   -1.080  1.00 16.32 ? 50   GLY A N   1 
ATOM   399 C CA  . GLY A 1 50 ? 9.105   2.291   0.206   1.00 17.64 ? 50   GLY A CA  1 
ATOM   400 C C   . GLY A 1 50 ? 8.120   1.912   1.290   1.00 15.82 ? 50   GLY A C   1 
ATOM   401 O O   . GLY A 1 50 ? 7.099   1.278   1.037   1.00 16.49 ? 50   GLY A O   1 
ATOM   402 N N   . TRP A 1 51 ? 8.440   2.314   2.512   1.00 15.10 ? 51   TRP A N   1 
ATOM   403 C CA  . TRP A 1 51 ? 7.695   1.896   3.673   1.00 15.21 ? 51   TRP A CA  1 
ATOM   404 C C   . TRP A 1 51 ? 6.488   2.788   3.886   1.00 16.58 ? 51   TRP A C   1 
ATOM   405 O O   . TRP A 1 51 ? 6.532   3.989   3.633   1.00 18.47 ? 51   TRP A O   1 
ATOM   406 C CB  . TRP A 1 51 ? 8.598   1.903   4.913   1.00 17.81 ? 51   TRP A CB  1 
ATOM   407 C CG  . TRP A 1 51 ? 9.719   0.915   4.818   1.00 21.73 ? 51   TRP A CG  1 
ATOM   408 C CD1 . TRP A 1 51 ? 10.989  1.151   4.360   1.00 21.70 ? 51   TRP A CD1 1 
ATOM   409 C CD2 . TRP A 1 51 ? 9.682   -0.477  5.182   1.00 13.94 ? 51   TRP A CD2 1 
ATOM   410 N NE1 . TRP A 1 51 ? 11.735  -0.004  4.408   1.00 21.65 ? 51   TRP A NE1 1 
ATOM   411 C CE2 . TRP A 1 51 ? 10.955  -1.021  4.901   1.00 16.50 ? 51   TRP A CE2 1 
ATOM   412 C CE3 . TRP A 1 51 ? 8.699   -1.320  5.703   1.00 15.44 ? 51   TRP A CE3 1 
ATOM   413 C CZ2 . TRP A 1 51 ? 11.271  -2.368  5.142   1.00 17.93 ? 51   TRP A CZ2 1 
ATOM   414 C CZ3 . TRP A 1 51 ? 9.016   -2.662  5.926   1.00 13.96 ? 51   TRP A CZ3 1 
ATOM   415 C CH2 . TRP A 1 51 ? 10.289  -3.163  5.653   1.00 15.63 ? 51   TRP A CH2 1 
ATOM   416 N N   . VAL A 1 52 ? 5.406   2.172   4.352   1.00 16.25 ? 52   VAL A N   1 
ATOM   417 C CA  . VAL A 1 52 ? 4.139   2.840   4.610   1.00 16.19 ? 52   VAL A CA  1 
ATOM   418 C C   . VAL A 1 52 ? 3.569   2.261   5.923   1.00 17.35 ? 52   VAL A C   1 
ATOM   419 O O   . VAL A 1 52 ? 3.937   1.144   6.316   1.00 14.86 ? 52   VAL A O   1 
ATOM   420 C CB  . VAL A 1 52 ? 3.123   2.574   3.468   1.00 17.79 ? 52   VAL A CB  1 
ATOM   421 C CG1 . VAL A 1 52 ? 3.683   3.017   2.127   1.00 17.51 ? 52   VAL A CG1 1 
ATOM   422 C CG2 . VAL A 1 52 ? 2.723   1.071   3.424   1.00 18.34 ? 52   VAL A CG2 1 
ATOM   423 N N   . PRO A 1 53 ? 2.713   3.009   6.622   1.00 15.64 ? 53   PRO A N   1 
ATOM   424 C CA  . PRO A 1 53 ? 2.107   2.489   7.848   1.00 20.19 ? 53   PRO A CA  1 
ATOM   425 C C   . PRO A 1 53 ? 1.206   1.286   7.578   1.00 18.01 ? 53   PRO A C   1 
ATOM   426 O O   . PRO A 1 53 ? 0.312   1.366   6.768   1.00 16.35 ? 53   PRO A O   1 
ATOM   427 C CB  . PRO A 1 53 ? 1.318   3.675   8.383   1.00 18.57 ? 53   PRO A CB  1 
ATOM   428 C CG  . PRO A 1 53 ? 1.950   4.874   7.736   1.00 21.10 ? 53   PRO A CG  1 
ATOM   429 C CD  . PRO A 1 53 ? 2.324   4.410   6.370   1.00 14.41 ? 53   PRO A CD  1 
ATOM   430 N N   . THR A 1 54 ? 1.504   0.159   8.202   1.00 15.80 ? 54   THR A N   1 
ATOM   431 C CA  . THR A 1 54 ? 0.636   -1.027  8.087   1.00 15.12 ? 54   THR A CA  1 
ATOM   432 C C   . THR A 1 54 ? -0.813  -0.704  8.454   1.00 16.34 ? 54   THR A C   1 
ATOM   433 O O   . THR A 1 54 ? -1.753  -1.221  7.841   1.00 14.68 ? 54   THR A O   1 
ATOM   434 C CB  . THR A 1 54 ? 1.182   -2.131  8.973   1.00 12.27 ? 54   THR A CB  1 
ATOM   435 O OG1 . THR A 1 54 ? 2.531   -2.414  8.586   1.00 15.98 ? 54   THR A OG1 1 
ATOM   436 C CG2 . THR A 1 54 ? 0.425   -3.468  8.759   1.00 16.07 ? 54   THR A CG2 1 
ATOM   437 N N   . ALA A 1 55 ? -0.985  0.170   9.444   1.00 17.00 ? 55   ALA A N   1 
ATOM   438 C CA  . ALA A 1 55 ? -2.312  0.578   9.923   1.00 13.10 ? 55   ALA A CA  1 
ATOM   439 C C   . ALA A 1 55 ? -3.191  1.060   8.768   1.00 16.96 ? 55   ALA A C   1 
ATOM   440 O O   . ALA A 1 55 ? -4.401  0.845   8.766   1.00 14.54 ? 55   ALA A O   1 
ATOM   441 C CB  . ALA A 1 55 ? -2.171  1.687   10.945  1.00 15.70 ? 55   ALA A CB  1 
ATOM   442 N N   . TYR A 1 56 ? -2.571  1.740   7.815   1.00 16.89 ? 56   TYR A N   1 
ATOM   443 C CA  . TYR A 1 56 ? -3.302  2.421   6.739   1.00 18.00 ? 56   TYR A CA  1 
ATOM   444 C C   . TYR A 1 56 ? -3.685  1.482   5.581   1.00 16.50 ? 56   TYR A C   1 
ATOM   445 O O   . TYR A 1 56 ? -4.506  1.834   4.733   1.00 18.77 ? 56   TYR A O   1 
ATOM   446 C CB  . TYR A 1 56 ? -2.451  3.576   6.199   1.00 18.55 ? 56   TYR A CB  1 
ATOM   447 C CG  . TYR A 1 56 ? -2.341  4.783   7.113   1.00 16.55 ? 56   TYR A CG  1 
ATOM   448 C CD1 . TYR A 1 56 ? -3.006  4.837   8.333   1.00 14.80 ? 56   TYR A CD1 1 
ATOM   449 C CD2 . TYR A 1 56 ? -1.582  5.890   6.735   1.00 16.30 ? 56   TYR A CD2 1 
ATOM   450 C CE1 . TYR A 1 56 ? -2.932  5.957   9.140   1.00 14.36 ? 56   TYR A CE1 1 
ATOM   451 C CE2 . TYR A 1 56 ? -1.497  6.991   7.526   1.00 20.04 ? 56   TYR A CE2 1 
ATOM   452 C CZ  . TYR A 1 56 ? -2.184  7.034   8.729   1.00 17.93 ? 56   TYR A CZ  1 
ATOM   453 O OH  . TYR A 1 56 ? -2.110  8.155   9.513   1.00 17.32 ? 56   TYR A OH  1 
ATOM   454 N N   . MET A 1 57 ? -3.104  0.295   5.544   1.00 17.48 ? 57   MET A N   1 
ATOM   455 C CA  . MET A 1 57 ? -3.273  -0.584  4.392   1.00 19.96 ? 57   MET A CA  1 
ATOM   456 C C   . MET A 1 57 ? -4.340  -1.658  4.632   1.00 21.81 ? 57   MET A C   1 
ATOM   457 O O   . MET A 1 57 ? -4.325  -2.363  5.644   1.00 27.11 ? 57   MET A O   1 
ATOM   458 C CB  A MET A 1 57 ? -1.945  -1.240  4.033   0.50 22.17 ? 57   MET A CB  1 
ATOM   459 C CB  B MET A 1 57 ? -1.934  -1.217  4.008   0.50 19.06 ? 57   MET A CB  1 
ATOM   460 C CG  A MET A 1 57 ? -0.853  -0.239  3.692   0.50 24.83 ? 57   MET A CG  1 
ATOM   461 C CG  B MET A 1 57 ? -0.789  -0.184  3.775   0.50 21.05 ? 57   MET A CG  1 
ATOM   462 S SD  A MET A 1 57 ? -0.586  -0.056  1.932   0.50 32.53 ? 57   MET A SD  1 
ATOM   463 S SD  B MET A 1 57 ? -1.270  1.324   2.817   0.50 8.72  ? 57   MET A SD  1 
ATOM   464 C CE  A MET A 1 57 ? -2.114  0.441   1.386   0.50 19.08 ? 57   MET A CE  1 
ATOM   465 C CE  B MET A 1 57 ? -0.428  2.585   3.679   0.50 29.16 ? 57   MET A CE  1 
ATOM   466 N N   . THR A 1 58 ? -5.267  -1.768  3.686   1.00 17.82 ? 58   THR A N   1 
ATOM   467 C CA  . THR A 1 58 ? -6.366  -2.724  3.778   1.00 18.41 ? 58   THR A CA  1 
ATOM   468 C C   . THR A 1 58 ? -6.387  -3.572  2.492   1.00 17.60 ? 58   THR A C   1 
ATOM   469 O O   . THR A 1 58 ? -6.148  -3.051  1.395   1.00 14.41 ? 58   THR A O   1 
ATOM   470 C CB  . THR A 1 58 ? -7.731  -1.960  3.999   1.00 15.61 ? 58   THR A CB  1 
ATOM   471 O OG1 . THR A 1 58 ? -8.829  -2.890  4.060   1.00 19.79 ? 58   THR A OG1 1 
ATOM   472 C CG2 . THR A 1 58 ? -8.072  -1.054  2.814   1.00 22.94 ? 58   THR A CG2 1 
ATOM   473 N N   . PRO A 1 59 ? -6.600  -4.880  2.624   1.00 22.28 ? 59   PRO A N   1 
ATOM   474 C CA  . PRO A 1 59 ? -6.637  -5.769  1.452   1.00 22.01 ? 59   PRO A CA  1 
ATOM   475 C C   . PRO A 1 59 ? -7.474  -5.191  0.309   1.00 22.68 ? 59   PRO A C   1 
ATOM   476 O O   . PRO A 1 59 ? -8.618  -4.810  0.522   1.00 18.43 ? 59   PRO A O   1 
ATOM   477 C CB  . PRO A 1 59 ? -7.278  -7.047  2.001   1.00 24.74 ? 59   PRO A CB  1 
ATOM   478 C CG  . PRO A 1 59 ? -6.930  -7.059  3.450   1.00 24.01 ? 59   PRO A CG  1 
ATOM   479 C CD  . PRO A 1 59 ? -6.798  -5.619  3.884   1.00 24.49 ? 59   PRO A CD  1 
ATOM   480 N N   . TYR A 1 60 ? -6.898  -5.115  -0.886  1.00 24.60 ? 60   TYR A N   1 
ATOM   481 C CA  . TYR A 1 60 ? -7.612  -4.568  -2.043  1.00 19.20 ? 60   TYR A CA  1 
ATOM   482 C C   . TYR A 1 60 ? -8.634  -5.569  -2.559  1.00 25.63 ? 60   TYR A C   1 
ATOM   483 O O   . TYR A 1 60 ? -8.352  -6.760  -2.637  1.00 21.31 ? 60   TYR A O   1 
ATOM   484 C CB  . TYR A 1 60 ? -6.638  -4.215  -3.161  1.00 17.80 ? 60   TYR A CB  1 
ATOM   485 C CG  . TYR A 1 60 ? -7.313  -3.620  -4.395  1.00 19.34 ? 60   TYR A CG  1 
ATOM   486 C CD1 . TYR A 1 60 ? -8.057  -2.447  -4.302  1.00 26.17 ? 60   TYR A CD1 1 
ATOM   487 C CD2 . TYR A 1 60 ? -7.199  -4.230  -5.644  1.00 26.04 ? 60   TYR A CD2 1 
ATOM   488 C CE1 . TYR A 1 60 ? -8.682  -1.888  -5.428  1.00 30.58 ? 60   TYR A CE1 1 
ATOM   489 C CE2 . TYR A 1 60 ? -7.821  -3.679  -6.786  1.00 27.59 ? 60   TYR A CE2 1 
ATOM   490 C CZ  . TYR A 1 60 ? -8.559  -2.505  -6.664  1.00 31.08 ? 60   TYR A CZ  1 
ATOM   491 O OH  . TYR A 1 60 ? -9.181  -1.941  -7.768  1.00 27.43 ? 60   TYR A OH  1 
ATOM   492 N N   . LYS A 1 61 ? -9.831  -5.078  -2.880  1.00 30.92 ? 61   LYS A N   1 
ATOM   493 C CA  . LYS A 1 61 ? -10.780 -5.825  -3.707  1.00 36.47 ? 61   LYS A CA  1 
ATOM   494 C C   . LYS A 1 61 ? -11.383 -4.912  -4.781  1.00 38.69 ? 61   LYS A C   1 
ATOM   495 O O   . LYS A 1 61 ? -11.852 -3.807  -4.486  1.00 37.80 ? 61   LYS A O   1 
ATOM   496 C CB  A LYS A 1 61 ? -11.889 -6.441  -2.845  0.50 36.68 ? 61   LYS A CB  1 
ATOM   497 C CB  B LYS A 1 61 ? -11.886 -6.439  -2.842  0.50 36.95 ? 61   LYS A CB  1 
ATOM   498 C CG  A LYS A 1 61 ? -12.084 -7.947  -3.057  0.50 34.73 ? 61   LYS A CG  1 
ATOM   499 C CG  B LYS A 1 61 ? -11.807 -7.961  -2.717  0.50 35.83 ? 61   LYS A CG  1 
ATOM   500 C CD  A LYS A 1 61 ? -12.906 -8.243  -4.312  0.50 34.18 ? 61   LYS A CD  1 
ATOM   501 C CD  B LYS A 1 61 ? -12.083 -8.661  -4.057  0.50 34.33 ? 61   LYS A CD  1 
ATOM   502 C CE  A LYS A 1 61 ? -12.895 -9.730  -4.654  0.50 29.56 ? 61   LYS A CE  1 
ATOM   503 C CE  B LYS A 1 61 ? -10.814 -9.251  -4.673  0.50 31.76 ? 61   LYS A CE  1 
ATOM   504 N NZ  A LYS A 1 61 ? -14.086 -10.131 -5.455  0.50 31.82 ? 61   LYS A NZ  1 
ATOM   505 N NZ  B LYS A 1 61 ? -10.678 -8.897  -6.111  0.50 26.69 ? 61   LYS A NZ  1 
ATOM   506 N N   . ASP A 1 62 ? -11.358 -5.386  -6.024  1.00 41.67 ? 62   ASP A N   1 
ATOM   507 C CA  . ASP A 1 62 ? -11.631 -4.538  -7.194  1.00 44.26 ? 62   ASP A CA  1 
ATOM   508 C C   . ASP A 1 62 ? -13.023 -3.903  -7.169  1.00 44.72 ? 62   ASP A C   1 
ATOM   509 O O   . ASP A 1 62 ? -13.167 -2.698  -7.394  1.00 44.43 ? 62   ASP A O   1 
ATOM   510 C CB  . ASP A 1 62 ? -11.428 -5.332  -8.501  1.00 44.50 ? 62   ASP A CB  1 
ATOM   511 C CG  . ASP A 1 62 ? -12.374 -6.521  -8.626  1.00 47.29 ? 62   ASP A CG  1 
ATOM   512 O OD1 . ASP A 1 62 ? -12.367 -7.394  -7.730  1.00 49.05 ? 62   ASP A OD1 1 
ATOM   513 O OD2 . ASP A 1 62 ? -13.154 -6.668  -9.590  1.00 48.47 ? 62   ASP A OD2 1 
ATOM   514 N N   . THR A 1 63 ? -14.039 -4.716  -6.901  1.00 45.51 ? 63   THR A N   1 
ATOM   515 C CA  . THR A 1 63 ? -15.427 -4.253  -6.919  1.00 44.90 ? 63   THR A CA  1 
ATOM   516 C C   . THR A 1 63 ? -16.231 -4.925  -5.803  1.00 45.05 ? 63   THR A C   1 
ATOM   517 O O   . THR A 1 63 ? -15.902 -6.030  -5.364  1.00 46.99 ? 63   THR A O   1 
ATOM   518 C CB  A THR A 1 63 ? -16.093 -4.547  -8.298  0.50 44.56 ? 63   THR A CB  1 
ATOM   519 C CB  B THR A 1 63 ? -16.068 -4.525  -8.307  0.50 43.58 ? 63   THR A CB  1 
ATOM   520 O OG1 A THR A 1 63 ? -16.146 -5.961  -8.532  0.50 42.81 ? 63   THR A OG1 1 
ATOM   521 O OG1 B THR A 1 63 ? -17.394 -3.981  -8.355  0.50 41.63 ? 63   THR A OG1 1 
ATOM   522 C CG2 A THR A 1 63 ? -15.250 -4.011  -9.454  0.50 44.26 ? 63   THR A CG2 1 
ATOM   523 C CG2 B THR A 1 63 ? -16.262 -6.024  -8.550  0.50 41.30 ? 63   THR A CG2 1 
ATOM   524 N N   . ARG A 1 64 ? -17.276 -4.243  -5.342  1.00 43.65 ? 64   ARG A N   1 
ATOM   525 C CA  . ARG A 1 64 ? -18.223 -4.828  -4.379  1.00 43.05 ? 64   ARG A CA  1 
ATOM   526 C C   . ARG A 1 64 ? -19.163 -5.865  -5.041  1.00 39.60 ? 64   ARG A C   1 
ATOM   527 O O   . ARG A 1 64 ? -19.808 -6.659  -4.353  1.00 39.44 ? 64   ARG A O   1 
ATOM   528 C CB  A ARG A 1 64 ? -19.059 -3.726  -3.714  0.50 43.47 ? 64   ARG A CB  1 
ATOM   529 C CB  B ARG A 1 64 ? -19.036 -3.727  -3.666  0.50 43.61 ? 64   ARG A CB  1 
ATOM   530 C CG  A ARG A 1 64 ? -20.057 -3.030  -4.663  0.50 42.49 ? 64   ARG A CG  1 
ATOM   531 C CG  B ARG A 1 64 ? -19.711 -2.696  -4.593  0.50 43.74 ? 64   ARG A CG  1 
ATOM   532 C CD  A ARG A 1 64 ? -21.237 -2.380  -3.960  0.50 39.74 ? 64   ARG A CD  1 
ATOM   533 C CD  B ARG A 1 64 ? -21.139 -3.045  -4.966  0.50 40.03 ? 64   ARG A CD  1 
ATOM   534 N NE  A ARG A 1 64 ? -20.827 -1.210  -3.183  0.50 41.40 ? 64   ARG A NE  1 
ATOM   535 N NE  B ARG A 1 64 ? -21.695 -2.154  -5.988  0.50 38.98 ? 64   ARG A NE  1 
ATOM   536 C CZ  A ARG A 1 64 ? -21.653 -0.255  -2.757  0.50 40.00 ? 64   ARG A CZ  1 
ATOM   537 C CZ  B ARG A 1 64 ? -21.334 -2.149  -7.274  0.50 38.03 ? 64   ARG A CZ  1 
ATOM   538 N NH1 A ARG A 1 64 ? -22.958 -0.321  -3.015  0.50 36.82 ? 64   ARG A NH1 1 
ATOM   539 N NH1 B ARG A 1 64 ? -20.384 -2.966  -7.715  0.50 38.85 ? 64   ARG A NH1 1 
ATOM   540 N NH2 A ARG A 1 64 ? -21.173 0.771   -2.058  0.50 41.12 ? 64   ARG A NH2 1 
ATOM   541 N NH2 B ARG A 1 64 ? -21.916 -1.313  -8.124  0.50 35.96 ? 64   ARG A NH2 1 
ATOM   542 N N   . ASN A 1 65 ? -19.223 -5.844  -6.371  1.00 36.56 ? 65   ASN A N   1 
ATOM   543 C CA  . ASN A 1 65 ? -20.123 -6.713  -7.134  1.00 33.18 ? 65   ASN A CA  1 
ATOM   544 C C   . ASN A 1 65 ? -19.796 -8.190  -6.952  1.00 30.55 ? 65   ASN A C   1 
ATOM   545 O O   . ASN A 1 65 ? -18.629 -8.569  -6.879  1.00 33.48 ? 65   ASN A O   1 
ATOM   546 C CB  . ASN A 1 65 ? -20.046 -6.365  -8.632  1.00 34.23 ? 65   ASN A CB  1 
ATOM   547 C CG  . ASN A 1 65 ? -21.165 -5.450  -9.078  1.00 35.52 ? 65   ASN A CG  1 
ATOM   548 O OD1 . ASN A 1 65 ? -21.989 -5.022  -8.276  1.00 41.37 ? 65   ASN A OD1 1 
ATOM   549 N ND2 . ASN A 1 65 ? -21.186 -5.131  -10.366 1.00 32.04 ? 65   ASN A ND2 1 
ATOM   550 N N   . THR A 1 66 ? -20.834 -9.023  -6.890  1.00 25.55 ? 66   THR A N   1 
ATOM   551 C CA  . THR A 1 66 ? -20.663 -10.472 -7.027  1.00 23.95 ? 66   THR A CA  1 
ATOM   552 C C   . THR A 1 66 ? -20.796 -10.905 -8.485  1.00 23.05 ? 66   THR A C   1 
ATOM   553 O O   . THR A 1 66 ? -20.867 -12.104 -8.775  1.00 26.36 ? 66   THR A O   1 
ATOM   554 C CB  . THR A 1 66 ? -21.693 -11.248 -6.159  1.00 21.71 ? 66   THR A CB  1 
ATOM   555 O OG1 . THR A 1 66 ? -23.023 -10.779 -6.425  1.00 15.75 ? 66   THR A OG1 1 
ATOM   556 C CG2 . THR A 1 66 ? -21.468 -10.986 -4.668  1.00 17.67 ? 66   THR A CG2 1 
ATOM   557 N N   . VAL A 1 67 ? -20.849 -9.934  -9.402  1.00 21.50 ? 67   VAL A N   1 
ATOM   558 C CA  . VAL A 1 67 ? -20.815 -10.240 -10.833 1.00 21.90 ? 67   VAL A CA  1 
ATOM   559 C C   . VAL A 1 67 ? -19.537 -11.014 -11.124 1.00 20.88 ? 67   VAL A C   1 
ATOM   560 O O   . VAL A 1 67 ? -18.446 -10.548 -10.802 1.00 14.59 ? 67   VAL A O   1 
ATOM   561 C CB  . VAL A 1 67 ? -20.830 -8.956  -11.718 1.00 21.97 ? 67   VAL A CB  1 
ATOM   562 C CG1 . VAL A 1 67 ? -20.721 -9.323  -13.199 1.00 23.42 ? 67   VAL A CG1 1 
ATOM   563 C CG2 . VAL A 1 67 ? -22.081 -8.147  -11.482 1.00 23.92 ? 67   VAL A CG2 1 
ATOM   564 N N   . PRO A 1 68 ? -19.666 -12.213 -11.687 1.00 21.27 ? 68   PRO A N   1 
ATOM   565 C CA  . PRO A 1 68 ? -18.492 -12.955 -12.162 1.00 23.82 ? 68   PRO A CA  1 
ATOM   566 C C   . PRO A 1 68 ? -17.806 -12.244 -13.336 1.00 25.90 ? 68   PRO A C   1 
ATOM   567 O O   . PRO A 1 68 ? -18.435 -11.432 -14.014 1.00 28.75 ? 68   PRO A O   1 
ATOM   568 C CB  . PRO A 1 68 ? -19.082 -14.304 -12.608 1.00 22.00 ? 68   PRO A CB  1 
ATOM   569 C CG  . PRO A 1 68 ? -20.446 -14.363 -11.994 1.00 20.98 ? 68   PRO A CG  1 
ATOM   570 C CD  . PRO A 1 68 ? -20.916 -12.968 -11.887 1.00 20.41 ? 68   PRO A CD  1 
ATOM   571 N N   . VAL A 1 69 ? -16.530 -12.540 -13.559 1.00 27.75 ? 69   VAL A N   1 
ATOM   572 C CA  . VAL A 1 69 ? -15.800 -11.986 -14.701 1.00 29.07 ? 69   VAL A CA  1 
ATOM   573 C C   . VAL A 1 69 ? -16.414 -12.463 -16.030 1.00 28.94 ? 69   VAL A C   1 
ATOM   574 O O   . VAL A 1 69 ? -16.714 -13.641 -16.226 1.00 29.46 ? 69   VAL A O   1 
ATOM   575 C CB  . VAL A 1 69 ? -14.279 -12.356 -14.638 1.00 30.12 ? 69   VAL A CB  1 
ATOM   576 C CG1 . VAL A 1 69 ? -13.689 -12.554 -16.043 1.00 30.08 ? 69   VAL A CG1 1 
ATOM   577 C CG2 . VAL A 1 69 ? -13.505 -11.289 -13.876 1.00 29.95 ? 69   VAL A CG2 1 
ATOM   578 O OXT . VAL A 1 69 ? -16.647 -11.681 -16.953 1.00 28.69 ? 69   VAL A OXT 1 
HETATM 579 N N1  . IMD B 2 .  ? 5.051   -8.116  12.134  0.25 45.90 ? 2510 IMD A N1  1 
HETATM 580 C C2  . IMD B 2 .  ? 5.362   -8.956  13.265  0.25 46.49 ? 2510 IMD A C2  1 
HETATM 581 N N3  . IMD B 2 .  ? 4.270   -8.675  14.183  0.25 44.82 ? 2510 IMD A N3  1 
HETATM 582 C C4  . IMD B 2 .  ? 3.318   -7.711  13.651  0.25 45.29 ? 2510 IMD A C4  1 
HETATM 583 C C5  . IMD B 2 .  ? 3.846   -7.340  12.272  0.25 45.91 ? 2510 IMD A C5  1 
HETATM 584 O O   . HOH C 3 .  ? 3.047   -9.194  1.964   1.00 36.29 ? 2511 HOH A O   1 
HETATM 585 O O   . HOH C 3 .  ? -4.669  -8.283  -0.455  1.00 38.06 ? 2512 HOH A O   1 
HETATM 586 O O   . HOH C 3 .  ? 5.730   -3.879  -8.437  1.00 34.18 ? 2513 HOH A O   1 
HETATM 587 O O   . HOH C 3 .  ? -10.064 -2.097  -1.412  1.00 61.07 ? 2514 HOH A O   1 
HETATM 588 O O   . HOH C 3 .  ? 11.819  -4.416  -5.556  1.00 53.50 ? 2515 HOH A O   1 
HETATM 589 O O   . HOH C 3 .  ? -19.672 -2.948  -0.619  1.00 61.46 ? 2516 HOH A O   1 
HETATM 590 O O   . HOH C 3 .  ? 3.567   -4.260  10.220  1.00 23.26 ? 2517 HOH A O   1 
HETATM 591 O O   . HOH C 3 .  ? -4.229  10.046  9.579   1.00 23.42 ? 2518 HOH A O   1 
HETATM 592 O O   . HOH C 3 .  ? 10.594  -7.488  -0.006  1.00 38.65 ? 2519 HOH A O   1 
HETATM 593 O O   . HOH C 3 .  ? -4.098  -2.664  8.456   1.00 26.72 ? 2520 HOH A O   1 
HETATM 594 O O   . HOH C 3 .  ? 12.127  15.932  5.086   1.00 23.05 ? 2521 HOH A O   1 
HETATM 595 O O   . HOH C 3 .  ? 5.865   -2.648  17.587  1.00 26.17 ? 2522 HOH A O   1 
HETATM 596 O O   . HOH C 3 .  ? 2.477   3.254   -14.842 1.00 25.91 ? 2523 HOH A O   1 
HETATM 597 O O   . HOH C 3 .  ? -0.004  11.840  0.676   1.00 31.25 ? 2524 HOH A O   1 
HETATM 598 O O   . HOH C 3 .  ? 12.603  3.787   -0.711  1.00 40.92 ? 2525 HOH A O   1 
HETATM 599 O O   . HOH C 3 .  ? 13.918  13.899  5.104   1.00 44.17 ? 2526 HOH A O   1 
HETATM 600 O O   . HOH C 3 .  ? 16.466  6.850   4.042   1.00 40.82 ? 2527 HOH A O   1 
HETATM 601 O O   . HOH C 3 .  ? -6.897  11.903  -0.270  1.00 31.09 ? 2528 HOH A O   1 
HETATM 602 O O   . HOH C 3 .  ? 9.044   10.789  1.301   1.00 32.25 ? 2529 HOH A O   1 
HETATM 603 O O   . HOH C 3 .  ? -6.964  10.185  5.014   1.00 34.87 ? 2530 HOH A O   1 
HETATM 604 O O   . HOH C 3 .  ? 12.649  1.972   1.160   1.00 36.26 ? 2531 HOH A O   1 
HETATM 605 O O   . HOH C 3 .  ? 3.806   13.647  0.322   1.00 29.63 ? 2532 HOH A O   1 
HETATM 606 O O   . HOH C 3 .  ? -7.134  10.506  -2.421  1.00 30.43 ? 2533 HOH A O   1 
HETATM 607 O O   . HOH C 3 .  ? -6.745  0.615   7.248   1.00 30.84 ? 2534 HOH A O   1 
HETATM 608 O O   . HOH C 3 .  ? 1.555   -4.958  -11.739 1.00 38.40 ? 2535 HOH A O   1 
HETATM 609 O O   . HOH C 3 .  ? -3.166  11.027  7.015   1.00 46.13 ? 2536 HOH A O   1 
HETATM 610 O O   . HOH C 3 .  ? 7.127   12.474  2.212   1.00 28.76 ? 2537 HOH A O   1 
HETATM 611 O O   . HOH C 3 .  ? 10.303  -4.140  13.330  1.00 38.74 ? 2538 HOH A O   1 
HETATM 612 O O   . HOH C 3 .  ? 8.394   -4.180  17.827  1.00 51.68 ? 2539 HOH A O   1 
HETATM 613 O O   . HOH C 3 .  ? -2.510  13.565  6.003   1.00 33.99 ? 2540 HOH A O   1 
HETATM 614 O O   . HOH C 3 .  ? 4.886   8.085   -3.596  1.00 33.71 ? 2541 HOH A O   1 
HETATM 615 O O   . HOH C 3 .  ? -9.745  -4.786  6.395   1.00 68.22 ? 2542 HOH A O   1 
HETATM 616 O O   . HOH C 3 .  ? 12.262  12.068  8.180   1.00 41.97 ? 2543 HOH A O   1 
HETATM 617 O O   . HOH C 3 .  ? 3.335   13.454  8.081   1.00 37.20 ? 2544 HOH A O   1 
HETATM 618 O O   . HOH C 3 .  ? 10.698  -2.492  11.389  1.00 49.48 ? 2545 HOH A O   1 
HETATM 619 O O   . HOH C 3 .  ? 9.981   9.325   -0.414  1.00 34.58 ? 2546 HOH A O   1 
HETATM 620 O O   . HOH C 3 .  ? -1.592  13.793  1.468   1.00 39.26 ? 2547 HOH A O   1 
HETATM 621 O O   . HOH C 3 .  ? 1.018   6.859   -5.048  1.00 41.02 ? 2548 HOH A O   1 
HETATM 622 O O   . HOH C 3 .  ? 0.957   -8.384  3.578   1.00 43.46 ? 2549 HOH A O   1 
HETATM 623 O O   . HOH C 3 .  ? -16.411 -15.389 -14.187 1.00 54.00 ? 2550 HOH A O   1 
HETATM 624 O O   . HOH C 3 .  ? 0.101   -5.406  4.712   1.00 48.97 ? 2551 HOH A O   1 
HETATM 625 O O   . HOH C 3 .  ? 13.076  7.247   -2.311  1.00 38.76 ? 2552 HOH A O   1 
HETATM 626 O O   . HOH C 3 .  ? -2.289  9.180   -6.020  1.00 35.43 ? 2553 HOH A O   1 
HETATM 627 O O   . HOH C 3 .  ? 1.864   15.926  7.072   1.00 46.07 ? 2554 HOH A O   1 
HETATM 628 O O   . HOH C 3 .  ? -17.849 -8.117  -10.267 1.00 52.71 ? 2555 HOH A O   1 
HETATM 629 O O   . HOH C 3 .  ? 1.853   -2.780  -14.342 1.00 43.57 ? 2556 HOH A O   1 
HETATM 630 O O   . HOH C 3 .  ? 14.434  12.532  7.311   1.00 56.51 ? 2557 HOH A O   1 
HETATM 631 O O   . HOH C 3 .  ? 10.402  5.612   -1.897  1.00 44.48 ? 2558 HOH A O   1 
HETATM 632 O O   . HOH C 3 .  ? -8.125  11.778  3.173   1.00 49.92 ? 2559 HOH A O   1 
HETATM 633 O O   . HOH C 3 .  ? 10.246  -3.315  16.199  1.00 57.78 ? 2560 HOH A O   1 
HETATM 634 O O   . HOH C 3 .  ? 5.605   6.209   -10.391 1.00 39.54 ? 2561 HOH A O   1 
HETATM 635 O O   . HOH C 3 .  ? 3.091   -4.121  14.615  1.00 35.36 ? 2562 HOH A O   1 
HETATM 636 O O   . HOH C 3 .  ? 8.696   7.722   -3.122  1.00 46.15 ? 2563 HOH A O   1 
HETATM 637 O O   . HOH C 3 .  ? 11.987  3.605   -5.029  1.00 35.53 ? 2564 HOH A O   1 
HETATM 638 O O   . HOH C 3 .  ? 12.478  2.042   -7.177  1.00 50.00 ? 2565 HOH A O   1 
HETATM 639 O O   . HOH C 3 .  ? 3.350   5.198   -11.136 1.00 48.45 ? 2566 HOH A O   1 
HETATM 640 O O   . HOH C 3 .  ? 10.284  15.541  8.056   1.00 38.81 ? 2567 HOH A O   1 
HETATM 641 O O   . HOH C 3 .  ? -5.443  15.201  -3.024  1.00 64.47 ? 2568 HOH A O   1 
HETATM 642 O O   . HOH C 3 .  ? -13.523 4.524   2.143   1.00 53.70 ? 2569 HOH A O   1 
HETATM 643 O O   . HOH C 3 .  ? 8.455   9.809   -5.741  1.00 67.50 ? 2570 HOH A O   1 
HETATM 644 O O   . HOH C 3 .  ? -16.964 -14.298 -8.718  1.00 54.49 ? 2571 HOH A O   1 
HETATM 645 O O   . HOH C 3 .  ? 11.653  -10.614 2.158   0.50 28.61 ? 2572 HOH A O   1 
HETATM 646 O O   . HOH C 3 .  ? 5.959   15.878  7.045   1.00 53.62 ? 2573 HOH A O   1 
HETATM 647 O O   . HOH C 3 .  ? -6.966  -8.925  -1.145  1.00 47.89 ? 2574 HOH A O   1 
HETATM 648 O O   . HOH C 3 .  ? 6.157   -6.150  -6.880  1.00 34.75 ? 2575 HOH A O   1 
HETATM 649 O O   . HOH C 3 .  ? -13.792 -16.910 -13.493 1.00 68.54 ? 2576 HOH A O   1 
HETATM 650 O O   . HOH C 3 .  ? 4.902   15.860  4.918   1.00 37.79 ? 2577 HOH A O   1 
HETATM 651 O O   . HOH C 3 .  ? -17.662 -17.713 -13.445 1.00 58.24 ? 2578 HOH A O   1 
HETATM 652 O O   . HOH C 3 .  ? 4.694   -8.393  -7.127  1.00 47.37 ? 2579 HOH A O   1 
HETATM 653 O O   . HOH C 3 .  ? 9.480   -6.369  -4.015  1.00 39.59 ? 2580 HOH A O   1 
HETATM 654 O O   . HOH C 3 .  ? -2.934  -3.639  -12.043 1.00 43.47 ? 2581 HOH A O   1 
HETATM 655 O O   . HOH C 3 .  ? -19.953 -14.149 -7.155  1.00 59.53 ? 2582 HOH A O   1 
HETATM 656 O O   . HOH C 3 .  ? -17.467 -15.965 -16.601 1.00 57.25 ? 2583 HOH A O   1 
HETATM 657 O O   . HOH C 3 .  ? -1.338  -5.591  -11.080 1.00 43.81 ? 2584 HOH A O   1 
HETATM 658 O O   . HOH C 3 .  ? 4.948   -4.648  -11.501 1.00 54.39 ? 2585 HOH A O   1 
HETATM 659 O O   . HOH C 3 .  ? -8.286  -5.580  -9.626  1.00 51.51 ? 2586 HOH A O   1 
HETATM 660 O O   . HOH C 3 .  ? -4.139  -9.738  1.533   1.00 46.56 ? 2587 HOH A O   1 
HETATM 661 O O   . HOH C 3 .  ? 1.224   1.177   11.450  0.50 18.92 ? 2588 HOH A O   1 
HETATM 662 O O   . HOH C 3 .  ? 8.849   -0.058  -13.277 1.00 42.02 ? 2589 HOH A O   1 
HETATM 663 O O   . HOH C 3 .  ? -0.769  10.149  8.124   0.50 25.69 ? 2590 HOH A O   1 
HETATM 664 O O   . HOH C 3 .  ? -11.672 7.983   -0.615  1.00 38.08 ? 2591 HOH A O   1 
HETATM 665 O O   . HOH C 3 .  ? -8.301  -9.959  -6.536  1.00 71.44 ? 2592 HOH A O   1 
HETATM 666 O O   . HOH C 3 .  ? -23.581 -0.314  -2.982  0.50 16.57 ? 2593 HOH A O   1 
HETATM 667 O O   . HOH C 3 .  ? 1.827   10.522  -2.881  1.00 42.41 ? 2594 HOH A O   1 
HETATM 668 O O   . HOH C 3 .  ? -22.065 -2.394  -8.057  0.50 22.40 ? 2595 HOH A O   1 
HETATM 669 O O   . HOH C 3 .  ? 7.000   14.401  -0.026  1.00 35.24 ? 2596 HOH A O   1 
HETATM 670 O O   . HOH C 3 .  ? 9.574   -8.736  8.133   0.50 17.76 ? 2597 HOH A O   1 
HETATM 671 O O   . HOH C 3 .  ? 3.246   -7.798  12.657  0.25 29.82 ? 2598 HOH A O   1 
HETATM 672 O O   . HOH C 3 .  ? -14.254 -9.728  2.749   0.50 37.56 ? 2599 HOH A O   1 
HETATM 673 O O   . HOH C 3 .  ? -8.607  3.636   -5.592  1.00 38.42 ? 2600 HOH A O   1 
HETATM 674 O O   . HOH C 3 .  ? 4.961   -7.726  -9.582  1.00 44.22 ? 2601 HOH A O   1 
HETATM 675 O O   . HOH C 3 .  ? 8.792   10.610  -2.153  1.00 42.42 ? 2602 HOH A O   1 
HETATM 676 O O   . HOH C 3 .  ? 11.504  -7.628  11.976  0.50 31.40 ? 2603 HOH A O   1 
HETATM 677 O O   . HOH C 3 .  ? 12.899  -8.783  4.977   0.50 40.20 ? 2604 HOH A O   1 
HETATM 678 O O   . HOH C 3 .  ? 4.323   8.341   -8.404  1.00 52.28 ? 2605 HOH A O   1 
HETATM 679 O O   . HOH C 3 .  ? 3.652   7.173   -5.196  1.00 55.74 ? 2606 HOH A O   1 
HETATM 680 O O   . HOH C 3 .  ? -10.562 -7.310  4.616   1.00 59.73 ? 2607 HOH A O   1 
HETATM 681 O O   . HOH C 3 .  ? 5.580   -8.141  11.560  0.50 58.92 ? 2608 HOH A O   1 
HETATM 682 O O   . HOH C 3 .  ? 10.956  0.060   -7.126  1.00 45.58 ? 2609 HOH A O   1 
HETATM 683 O O   . HOH C 3 .  ? 0.246   16.631  3.547   1.00 43.24 ? 2610 HOH A O   1 
HETATM 684 O O   . HOH C 3 .  ? 18.315  -5.302  13.220  1.00 60.29 ? 2611 HOH A O   1 
HETATM 685 O O   . HOH C 3 .  ? -3.819  -9.569  -4.336  1.00 50.82 ? 2612 HOH A O   1 
HETATM 686 O O   . HOH C 3 .  ? -15.473 -0.089  -1.127  0.50 56.28 ? 2613 HOH A O   1 
HETATM 687 O O   . HOH C 3 .  ? 15.935  -8.660  5.988   1.00 48.74 ? 2614 HOH A O   1 
HETATM 688 O O   . HOH C 3 .  ? -6.471  -1.518  6.705   1.00 47.79 ? 2615 HOH A O   1 
HETATM 689 O O   . HOH C 3 .  ? -6.067  11.391  -4.865  1.00 47.85 ? 2616 HOH A O   1 
# 
